data_3LKI
#
_entry.id   3LKI
#
_cell.length_a   70.221
_cell.length_b   92.651
_cell.length_c   179.765
_cell.angle_alpha   90.00
_cell.angle_beta   90.00
_cell.angle_gamma   90.00
#
_symmetry.space_group_name_H-M   'P 21 21 21'
#
loop_
_entity.id
_entity.type
_entity.pdbx_description
1 polymer Fructokinase
2 non-polymer 'POTASSIUM ION'
3 non-polymer 'PHOSPHATE ION'
4 non-polymer "ADENOSINE-5'-TRIPHOSPHATE"
5 water water
#
_entity_poly.entity_id   1
_entity_poly.type   'polypeptide(L)'
_entity_poly.pdbx_seq_one_letter_code
;(MSE)SLKKTILCFGEALID(MSE)LAQPLVKKG(MSE)PRAFLQCAGGAPANVAVAVARLGGAVQFVG(MSE)LGSD
(MSE)FGDFLFDSFAEAGVVTDGIVRTSTAKTALAFVALDAHGERSFSFYRPPAADLLFRVEHFQDASFSDALIFHACSN
S(MSE)TDADIAEVTFEG(MSE)RRAQAAGAIVSFDLNFRP(MSE)LWPNGENPASRLWKGLSLADVVKLSSEELDYLAN
TLAADANAVIQQLWQGRAQLLLVTDAAGPVHWYTRTAGGEVPTFRVQVQDSNAAGDAFVGG(MSE)LYTFAQQFDDAAAL
IDFCHDPESIVSTLRFAAAVGALAVTRQGAFTA(MSE)P(MSE)LSEVLSLIQEQSEGHHHHHH
;
_entity_poly.pdbx_strand_id   A,B
#
loop_
_chem_comp.id
_chem_comp.type
_chem_comp.name
_chem_comp.formula
ATP non-polymer ADENOSINE-5'-TRIPHOSPHATE 'C10 H16 N5 O13 P3'
K non-polymer 'POTASSIUM ION' 'K 1'
PO4 non-polymer 'PHOSPHATE ION' 'O4 P -3'
#
# COMPACT_ATOMS: atom_id res chain seq x y z
N LEU A 3 -1.03 25.18 0.65
CA LEU A 3 0.34 24.82 0.17
C LEU A 3 1.15 23.89 1.08
N LYS A 4 0.89 22.58 1.03
CA LYS A 4 1.64 21.62 1.84
C LYS A 4 1.77 20.23 1.19
N LYS A 5 1.01 19.25 1.65
CA LYS A 5 1.09 17.90 1.07
C LYS A 5 -0.28 17.23 0.92
N THR A 6 -1.29 17.84 1.50
CA THR A 6 -2.64 17.28 1.46
C THR A 6 -3.36 17.54 0.14
N ILE A 7 -4.15 16.55 -0.28
CA ILE A 7 -4.96 16.66 -1.48
C ILE A 7 -6.36 16.99 -0.99
N LEU A 8 -6.85 18.15 -1.41
CA LEU A 8 -8.18 18.59 -1.03
C LEU A 8 -9.16 18.34 -2.18
N CYS A 9 -10.03 17.36 -1.99
CA CYS A 9 -11.06 17.02 -2.96
C CYS A 9 -12.35 17.74 -2.58
N PHE A 10 -12.87 18.55 -3.49
CA PHE A 10 -14.08 19.32 -3.20
C PHE A 10 -15.25 18.98 -4.09
N GLY A 11 -16.45 18.96 -3.50
CA GLY A 11 -17.63 18.70 -4.31
C GLY A 11 -18.73 17.84 -3.73
N GLU A 12 -19.26 16.99 -4.60
CA GLU A 12 -20.34 16.15 -4.17
C GLU A 12 -19.97 14.73 -3.84
N ALA A 13 -20.67 14.24 -2.82
CA ALA A 13 -20.57 12.88 -2.33
C ALA A 13 -22.06 12.52 -2.30
N LEU A 14 -22.41 11.38 -2.90
CA LEU A 14 -23.81 10.98 -2.92
C LEU A 14 -23.91 9.47 -2.93
N ILE A 15 -25.14 8.98 -2.90
CA ILE A 15 -25.38 7.54 -2.89
C ILE A 15 -25.75 7.01 -4.26
N ASP A 16 -25.04 5.98 -4.70
CA ASP A 16 -25.32 5.32 -5.96
C ASP A 16 -26.21 4.14 -5.58
N MSE A 17 -27.44 4.11 -6.11
CA MSE A 17 -28.34 3.00 -5.83
C MSE A 17 -28.40 2.14 -7.09
O MSE A 17 -28.97 2.53 -8.11
CB MSE A 17 -29.73 3.54 -5.46
CG MSE A 17 -29.78 4.25 -4.10
SE MSE A 17 -29.75 3.05 -2.58
CE MSE A 17 -31.61 2.66 -2.43
N LEU A 18 -27.79 0.97 -7.00
CA LEU A 18 -27.72 0.04 -8.14
C LEU A 18 -28.85 -0.98 -8.12
N ALA A 19 -29.68 -0.93 -9.16
CA ALA A 19 -30.81 -1.85 -9.27
C ALA A 19 -30.26 -3.25 -9.48
N GLN A 20 -30.80 -4.22 -8.76
CA GLN A 20 -30.36 -5.59 -8.90
C GLN A 20 -31.30 -6.36 -9.81
N PRO A 21 -30.77 -7.31 -10.60
CA PRO A 21 -31.60 -8.09 -11.51
C PRO A 21 -32.64 -8.86 -10.69
N LEU A 22 -33.86 -8.91 -11.19
CA LEU A 22 -34.90 -9.61 -10.46
C LEU A 22 -34.62 -11.09 -10.25
N VAL A 23 -34.73 -11.53 -8.99
CA VAL A 23 -34.57 -12.96 -8.68
C VAL A 23 -35.91 -13.44 -9.24
N LYS A 24 -36.60 -12.45 -9.83
CA LYS A 24 -37.88 -12.53 -10.52
C LYS A 24 -39.12 -13.21 -9.95
N LYS A 25 -40.22 -12.45 -10.03
CA LYS A 25 -41.56 -12.86 -9.63
C LYS A 25 -41.97 -13.01 -8.18
N GLY A 26 -42.83 -12.08 -7.76
CA GLY A 26 -43.35 -12.08 -6.39
C GLY A 26 -42.46 -11.34 -5.43
N MSE A 27 -41.16 -11.37 -5.69
CA MSE A 27 -40.20 -10.71 -4.83
C MSE A 27 -39.92 -9.27 -5.24
O MSE A 27 -39.67 -8.99 -6.42
CB MSE A 27 -38.90 -11.50 -4.81
CG MSE A 27 -39.02 -12.83 -4.11
SE MSE A 27 -37.44 -13.89 -4.41
CE MSE A 27 -38.19 -15.20 -5.66
N PRO A 28 -39.96 -8.35 -4.28
CA PRO A 28 -39.69 -6.94 -4.59
C PRO A 28 -38.24 -6.81 -5.07
N ARG A 29 -38.05 -6.05 -6.14
CA ARG A 29 -36.71 -5.86 -6.69
C ARG A 29 -35.86 -5.11 -5.66
N ALA A 30 -34.56 -5.39 -5.66
CA ALA A 30 -33.66 -4.75 -4.70
C ALA A 30 -32.72 -3.74 -5.32
N PHE A 31 -32.26 -2.81 -4.49
CA PHE A 31 -31.32 -1.76 -4.88
C PHE A 31 -30.19 -1.78 -3.87
N LEU A 32 -28.95 -1.79 -4.36
CA LEU A 32 -27.79 -1.80 -3.48
C LEU A 32 -27.16 -0.41 -3.32
N GLN A 33 -26.92 -0.05 -2.07
CA GLN A 33 -26.34 1.23 -1.70
C GLN A 33 -24.82 1.25 -1.83
N CYS A 34 -24.30 2.24 -2.55
CA CYS A 34 -22.87 2.38 -2.74
C CYS A 34 -22.43 3.84 -2.68
N ALA A 35 -21.31 4.10 -2.01
CA ALA A 35 -20.77 5.45 -1.89
C ALA A 35 -20.40 5.96 -3.28
N GLY A 36 -20.89 7.16 -3.62
CA GLY A 36 -20.60 7.73 -4.92
C GLY A 36 -20.21 9.20 -4.87
N GLY A 37 -20.18 9.84 -6.04
CA GLY A 37 -19.78 11.25 -6.13
C GLY A 37 -18.40 11.27 -6.76
N ALA A 38 -18.21 12.07 -7.80
CA ALA A 38 -16.93 12.11 -8.51
C ALA A 38 -15.71 12.46 -7.63
N PRO A 39 -15.63 13.68 -7.10
CA PRO A 39 -14.45 13.93 -6.27
C PRO A 39 -14.47 13.06 -5.02
N ALA A 40 -15.65 12.58 -4.63
CA ALA A 40 -15.80 11.72 -3.46
C ALA A 40 -15.08 10.38 -3.64
N ASN A 41 -15.25 9.74 -4.79
CA ASN A 41 -14.56 8.46 -4.97
C ASN A 41 -13.05 8.63 -5.18
N VAL A 42 -12.65 9.78 -5.74
CA VAL A 42 -11.23 10.03 -5.95
C VAL A 42 -10.54 10.21 -4.59
N ALA A 43 -11.22 10.89 -3.68
CA ALA A 43 -10.68 11.11 -2.35
C ALA A 43 -10.48 9.76 -1.67
N VAL A 44 -11.45 8.86 -1.86
CA VAL A 44 -11.36 7.55 -1.25
C VAL A 44 -10.22 6.76 -1.89
N ALA A 45 -10.09 6.86 -3.22
CA ALA A 45 -9.02 6.14 -3.91
C ALA A 45 -7.64 6.57 -3.40
N VAL A 46 -7.46 7.88 -3.25
CA VAL A 46 -6.19 8.42 -2.77
C VAL A 46 -5.89 7.94 -1.35
N ALA A 47 -6.89 7.98 -0.48
CA ALA A 47 -6.70 7.54 0.90
C ALA A 47 -6.28 6.07 0.90
N ARG A 48 -6.93 5.27 0.07
CA ARG A 48 -6.58 3.85 -0.01
C ARG A 48 -5.14 3.61 -0.46
N LEU A 49 -4.66 4.45 -1.37
CA LEU A 49 -3.30 4.33 -1.87
C LEU A 49 -2.31 4.77 -0.78
N GLY A 50 -2.81 5.53 0.20
CA GLY A 50 -1.94 5.98 1.28
C GLY A 50 -1.60 7.46 1.24
N GLY A 51 -2.32 8.21 0.42
CA GLY A 51 -2.05 9.64 0.33
C GLY A 51 -2.76 10.42 1.41
N ALA A 52 -2.31 11.64 1.65
CA ALA A 52 -2.94 12.50 2.65
C ALA A 52 -4.04 13.24 1.91
N VAL A 53 -5.29 12.97 2.28
CA VAL A 53 -6.40 13.59 1.59
C VAL A 53 -7.57 13.97 2.47
N GLN A 54 -8.22 15.05 2.08
CA GLN A 54 -9.37 15.58 2.79
C GLN A 54 -10.52 15.76 1.81
N PHE A 55 -11.74 15.41 2.22
CA PHE A 55 -12.88 15.65 1.34
C PHE A 55 -13.63 16.83 1.92
N VAL A 56 -13.85 17.83 1.08
CA VAL A 56 -14.58 19.01 1.53
C VAL A 56 -15.88 19.09 0.76
N GLY A 57 -16.97 19.11 1.50
CA GLY A 57 -18.28 19.18 0.87
C GLY A 57 -19.36 19.09 1.94
N MSE A 58 -20.60 19.17 1.51
CA MSE A 58 -21.72 19.11 2.43
C MSE A 58 -22.48 17.79 2.31
O MSE A 58 -22.78 17.33 1.21
CB MSE A 58 -22.66 20.29 2.21
CG MSE A 58 -23.74 20.44 3.28
SE MSE A 58 -24.70 22.08 3.05
CE MSE A 58 -23.79 23.09 4.47
N LEU A 59 -22.79 17.20 3.45
CA LEU A 59 -23.53 15.93 3.51
C LEU A 59 -24.80 16.17 4.30
N GLY A 60 -25.87 15.49 3.91
CA GLY A 60 -27.12 15.64 4.63
C GLY A 60 -27.00 14.99 5.99
N SER A 61 -27.86 15.39 6.92
CA SER A 61 -27.85 14.82 8.26
C SER A 61 -28.63 13.51 8.31
N ASP A 62 -29.03 13.01 7.15
CA ASP A 62 -29.79 11.77 7.04
C ASP A 62 -28.94 10.50 7.13
N MSE A 63 -29.61 9.35 7.01
CA MSE A 63 -28.96 8.03 7.09
C MSE A 63 -27.86 7.90 6.06
O MSE A 63 -26.77 7.40 6.34
CB MSE A 63 -29.99 6.87 6.92
CG MSE A 63 -30.67 6.75 5.53
SE MSE A 63 -32.14 5.37 5.44
CE MSE A 63 -33.28 6.14 6.80
N PHE A 64 -28.13 8.37 4.85
CA PHE A 64 -27.16 8.30 3.77
C PHE A 64 -25.94 9.17 4.07
N GLY A 65 -26.17 10.37 4.59
CA GLY A 65 -25.08 11.27 4.92
C GLY A 65 -24.13 10.57 5.89
N ASP A 66 -24.71 9.90 6.88
CA ASP A 66 -23.93 9.17 7.88
C ASP A 66 -23.12 8.07 7.20
N PHE A 67 -23.73 7.38 6.25
CA PHE A 67 -23.07 6.31 5.52
C PHE A 67 -21.84 6.85 4.78
N LEU A 68 -22.02 7.97 4.10
CA LEU A 68 -20.93 8.58 3.35
C LEU A 68 -19.82 9.08 4.29
N PHE A 69 -20.20 9.68 5.41
CA PHE A 69 -19.23 10.17 6.38
C PHE A 69 -18.37 9.00 6.86
N ASP A 70 -19.05 7.91 7.26
CA ASP A 70 -18.37 6.73 7.75
C ASP A 70 -17.46 6.14 6.69
N SER A 71 -17.94 6.09 5.45
CA SER A 71 -17.15 5.57 4.34
C SER A 71 -15.85 6.34 4.23
N PHE A 72 -15.91 7.66 4.35
CA PHE A 72 -14.69 8.47 4.26
C PHE A 72 -13.75 8.10 5.41
N ALA A 73 -14.28 8.12 6.62
CA ALA A 73 -13.50 7.79 7.82
C ALA A 73 -12.82 6.44 7.74
N GLU A 74 -13.52 5.43 7.27
CA GLU A 74 -12.94 4.09 7.16
C GLU A 74 -11.84 4.01 6.13
N ALA A 75 -11.97 4.77 5.05
CA ALA A 75 -10.97 4.78 3.99
C ALA A 75 -9.70 5.55 4.41
N GLY A 76 -9.82 6.37 5.43
CA GLY A 76 -8.67 7.15 5.88
C GLY A 76 -8.72 8.59 5.40
N VAL A 77 -9.85 9.00 4.84
CA VAL A 77 -10.05 10.36 4.35
C VAL A 77 -10.35 11.28 5.54
N VAL A 78 -9.63 12.41 5.62
CA VAL A 78 -9.84 13.37 6.70
C VAL A 78 -11.23 13.99 6.50
N THR A 79 -12.00 14.08 7.57
CA THR A 79 -13.37 14.59 7.49
C THR A 79 -13.70 15.92 8.17
N ASP A 80 -12.75 16.57 8.81
CA ASP A 80 -13.07 17.83 9.48
C ASP A 80 -13.43 18.98 8.56
N GLY A 81 -13.37 18.76 7.25
CA GLY A 81 -13.71 19.82 6.32
C GLY A 81 -15.14 19.62 5.84
N ILE A 82 -15.76 18.54 6.30
CA ILE A 82 -17.13 18.22 5.92
C ILE A 82 -18.17 18.97 6.77
N VAL A 83 -19.20 19.49 6.12
CA VAL A 83 -20.28 20.18 6.82
C VAL A 83 -21.60 19.45 6.58
N ARG A 84 -22.56 19.66 7.47
CA ARG A 84 -23.85 18.96 7.37
C ARG A 84 -25.03 19.90 7.29
N THR A 85 -26.16 19.38 6.83
CA THR A 85 -27.39 20.16 6.72
C THR A 85 -28.63 19.26 6.76
N SER A 86 -29.73 19.79 7.31
CA SER A 86 -30.98 19.07 7.39
C SER A 86 -31.93 19.66 6.34
N THR A 87 -31.50 20.77 5.75
CA THR A 87 -32.26 21.50 4.74
C THR A 87 -32.57 20.68 3.49
N ALA A 88 -31.70 19.73 3.19
CA ALA A 88 -31.86 18.89 2.01
C ALA A 88 -31.29 17.50 2.24
N LYS A 89 -31.81 16.53 1.50
CA LYS A 89 -31.38 15.15 1.60
C LYS A 89 -30.16 14.86 0.74
N THR A 90 -29.38 13.87 1.17
CA THR A 90 -28.21 13.45 0.44
C THR A 90 -28.70 13.03 -0.94
N ALA A 91 -28.01 13.46 -1.99
CA ALA A 91 -28.44 13.11 -3.34
C ALA A 91 -28.39 11.61 -3.61
N LEU A 92 -29.23 11.16 -4.53
CA LEU A 92 -29.31 9.76 -4.90
C LEU A 92 -29.12 9.57 -6.39
N ALA A 93 -28.34 8.56 -6.76
CA ALA A 93 -28.08 8.25 -8.15
C ALA A 93 -28.57 6.84 -8.43
N PHE A 94 -29.77 6.72 -8.98
CA PHE A 94 -30.34 5.43 -9.31
C PHE A 94 -29.94 4.99 -10.71
N VAL A 95 -29.45 3.77 -10.84
CA VAL A 95 -29.07 3.25 -12.13
C VAL A 95 -29.66 1.86 -12.28
N ALA A 96 -30.45 1.69 -13.33
CA ALA A 96 -31.09 0.42 -13.58
C ALA A 96 -30.84 0.00 -15.02
N LEU A 97 -31.59 -1.02 -15.47
CA LEU A 97 -31.46 -1.54 -16.83
C LEU A 97 -32.83 -1.59 -17.49
N HIS A 100 -34.43 -1.03 -21.08
CA HIS A 100 -34.56 -2.35 -21.71
C HIS A 100 -33.45 -2.52 -22.74
N GLY A 101 -32.26 -2.80 -22.23
CA GLY A 101 -31.13 -2.97 -23.11
C GLY A 101 -29.90 -2.50 -22.36
N GLU A 102 -29.98 -1.30 -21.78
CA GLU A 102 -28.85 -0.76 -21.03
C GLU A 102 -29.26 0.11 -19.87
N ARG A 103 -28.26 0.82 -19.34
CA ARG A 103 -28.40 1.70 -18.19
C ARG A 103 -29.47 2.80 -18.31
N SER A 104 -30.25 2.95 -17.24
CA SER A 104 -31.29 3.96 -17.14
C SER A 104 -30.92 4.72 -15.89
N PHE A 105 -31.08 6.03 -15.89
CA PHE A 105 -30.72 6.82 -14.73
C PHE A 105 -31.85 7.67 -14.15
N SER A 106 -31.74 7.95 -12.86
CA SER A 106 -32.70 8.78 -12.17
C SER A 106 -31.97 9.45 -11.02
N PHE A 107 -31.76 10.75 -11.15
CA PHE A 107 -31.05 11.49 -10.12
C PHE A 107 -31.99 12.29 -9.24
N TYR A 108 -31.82 12.17 -7.94
CA TYR A 108 -32.60 12.96 -6.97
C TYR A 108 -31.63 14.05 -6.57
N ARG A 109 -31.51 15.03 -7.47
CA ARG A 109 -30.61 16.17 -7.34
C ARG A 109 -30.81 16.99 -8.61
N PRO A 110 -31.21 18.26 -8.50
CA PRO A 110 -31.49 19.02 -7.27
C PRO A 110 -32.92 18.73 -6.81
N PRO A 111 -33.24 19.05 -5.54
CA PRO A 111 -32.31 19.63 -4.56
C PRO A 111 -31.44 18.53 -3.94
N ALA A 112 -30.44 18.93 -3.17
CA ALA A 112 -29.54 17.99 -2.52
C ALA A 112 -28.60 18.69 -1.52
N ALA A 113 -28.22 17.99 -0.47
CA ALA A 113 -27.33 18.56 0.54
C ALA A 113 -26.04 19.12 -0.06
N ASP A 114 -25.39 18.35 -0.93
CA ASP A 114 -24.12 18.79 -1.52
C ASP A 114 -24.18 20.12 -2.29
N LEU A 115 -25.35 20.45 -2.84
CA LEU A 115 -25.54 21.69 -3.59
C LEU A 115 -25.56 22.91 -2.68
N LEU A 116 -25.70 22.69 -1.37
CA LEU A 116 -25.79 23.80 -0.44
C LEU A 116 -24.51 24.27 0.22
N PHE A 117 -23.37 23.69 -0.15
CA PHE A 117 -22.09 24.11 0.44
C PHE A 117 -21.88 25.58 0.03
N ARG A 118 -21.56 26.42 0.99
CA ARG A 118 -21.34 27.83 0.72
C ARG A 118 -19.91 28.21 0.98
N VAL A 119 -19.52 29.38 0.49
CA VAL A 119 -18.15 29.84 0.65
C VAL A 119 -17.67 29.92 2.10
N GLU A 120 -18.55 30.32 3.01
CA GLU A 120 -18.17 30.42 4.41
C GLU A 120 -17.89 29.05 5.02
N HIS A 121 -18.27 27.97 4.32
CA HIS A 121 -18.02 26.64 4.84
C HIS A 121 -16.55 26.23 4.67
N PHE A 122 -15.83 26.92 3.79
CA PHE A 122 -14.42 26.61 3.59
C PHE A 122 -13.63 27.09 4.82
N GLN A 123 -12.61 26.33 5.20
CA GLN A 123 -11.76 26.71 6.32
C GLN A 123 -10.37 27.03 5.78
N ASP A 124 -9.80 28.15 6.20
CA ASP A 124 -8.49 28.56 5.72
C ASP A 124 -7.40 27.50 5.92
N ALA A 125 -7.52 26.74 7.00
CA ALA A 125 -6.53 25.71 7.31
C ALA A 125 -6.46 24.66 6.19
N SER A 126 -7.61 24.35 5.59
CA SER A 126 -7.65 23.38 4.49
C SER A 126 -6.81 23.86 3.31
N PHE A 127 -6.98 25.13 2.96
CA PHE A 127 -6.22 25.68 1.83
C PHE A 127 -4.72 25.80 2.12
N SER A 128 -4.37 26.30 3.30
CA SER A 128 -2.97 26.46 3.67
C SER A 128 -2.20 25.15 3.59
N ASP A 129 -2.87 24.06 3.94
CA ASP A 129 -2.25 22.74 3.96
C ASP A 129 -2.41 21.93 2.67
N ALA A 130 -3.12 22.47 1.69
CA ALA A 130 -3.33 21.74 0.46
C ALA A 130 -2.25 21.94 -0.60
N LEU A 131 -1.75 20.82 -1.12
CA LEU A 131 -0.75 20.83 -2.16
C LEU A 131 -1.56 20.82 -3.46
N ILE A 132 -2.73 20.21 -3.39
CA ILE A 132 -3.63 20.10 -4.52
C ILE A 132 -5.11 20.29 -4.13
N PHE A 133 -5.84 21.03 -4.95
CA PHE A 133 -7.26 21.26 -4.77
C PHE A 133 -7.85 20.62 -6.03
N HIS A 134 -8.69 19.60 -5.86
CA HIS A 134 -9.29 18.87 -6.97
C HIS A 134 -10.80 19.01 -7.03
N ALA A 135 -11.32 19.31 -8.23
CA ALA A 135 -12.75 19.45 -8.42
C ALA A 135 -13.25 18.92 -9.76
N CYS A 136 -14.56 18.72 -9.85
CA CYS A 136 -15.22 18.21 -11.06
C CYS A 136 -16.38 19.16 -11.42
N SER A 137 -16.99 18.97 -12.58
CA SER A 137 -18.08 19.85 -13.00
C SER A 137 -19.43 19.62 -12.33
N ASN A 138 -19.54 18.53 -11.58
CA ASN A 138 -20.81 18.25 -10.91
C ASN A 138 -21.15 19.30 -9.85
N SER A 139 -20.14 20.00 -9.32
CA SER A 139 -20.39 21.03 -8.32
C SER A 139 -20.60 22.37 -9.01
N MSE A 140 -21.00 22.31 -10.28
CA MSE A 140 -21.26 23.53 -11.07
C MSE A 140 -22.64 23.47 -11.71
O MSE A 140 -22.96 24.29 -12.57
CB MSE A 140 -20.20 23.69 -12.17
CG MSE A 140 -18.79 23.90 -11.66
SE MSE A 140 -17.49 23.96 -13.12
CE MSE A 140 -15.90 23.75 -12.03
N THR A 141 -23.47 22.51 -11.28
CA THR A 141 -24.80 22.32 -11.83
C THR A 141 -25.84 23.44 -11.63
N ASP A 142 -25.59 24.35 -10.69
CA ASP A 142 -26.46 25.50 -10.51
C ASP A 142 -25.56 26.71 -10.28
N ALA A 143 -26.09 27.91 -10.45
CA ALA A 143 -25.30 29.13 -10.30
C ALA A 143 -24.59 29.30 -8.96
N ASP A 144 -25.27 29.02 -7.86
CA ASP A 144 -24.66 29.18 -6.54
C ASP A 144 -23.50 28.24 -6.25
N ILE A 145 -23.71 26.94 -6.45
CA ILE A 145 -22.68 25.95 -6.19
C ILE A 145 -21.49 26.15 -7.14
N ALA A 146 -21.77 26.64 -8.35
CA ALA A 146 -20.72 26.88 -9.34
C ALA A 146 -19.78 27.97 -8.85
N GLU A 147 -20.33 29.09 -8.40
CA GLU A 147 -19.52 30.21 -7.91
C GLU A 147 -18.71 29.75 -6.71
N VAL A 148 -19.33 28.95 -5.84
CA VAL A 148 -18.63 28.43 -4.67
C VAL A 148 -17.40 27.65 -5.15
N THR A 149 -17.59 26.81 -6.15
CA THR A 149 -16.48 26.02 -6.68
C THR A 149 -15.38 26.93 -7.25
N PHE A 150 -15.78 27.94 -8.01
CA PHE A 150 -14.82 28.87 -8.59
C PHE A 150 -14.01 29.60 -7.53
N GLU A 151 -14.65 30.02 -6.45
CA GLU A 151 -13.93 30.73 -5.40
C GLU A 151 -13.00 29.78 -4.65
N GLY A 152 -13.41 28.53 -4.53
CA GLY A 152 -12.55 27.55 -3.87
C GLY A 152 -11.32 27.38 -4.73
N MSE A 153 -11.51 27.30 -6.05
CA MSE A 153 -10.39 27.11 -6.97
C MSE A 153 -9.44 28.32 -6.93
O MSE A 153 -8.22 28.15 -7.01
CB MSE A 153 -10.90 26.88 -8.40
CG MSE A 153 -11.65 25.58 -8.58
SE MSE A 153 -12.35 25.43 -10.39
CE MSE A 153 -13.20 23.72 -10.23
N ARG A 154 -10.00 29.52 -6.81
CA ARG A 154 -9.18 30.73 -6.74
C ARG A 154 -8.43 30.79 -5.41
N ARG A 155 -9.12 30.46 -4.31
CA ARG A 155 -8.45 30.45 -3.00
C ARG A 155 -7.31 29.45 -3.02
N ALA A 156 -7.55 28.29 -3.62
CA ALA A 156 -6.53 27.25 -3.68
C ALA A 156 -5.30 27.83 -4.40
N GLN A 157 -5.52 28.36 -5.60
CA GLN A 157 -4.43 28.95 -6.38
C GLN A 157 -3.69 30.00 -5.54
N ALA A 158 -4.45 30.90 -4.91
CA ALA A 158 -3.86 31.97 -4.10
C ALA A 158 -3.00 31.41 -2.96
N ALA A 159 -3.43 30.29 -2.40
CA ALA A 159 -2.70 29.66 -1.30
C ALA A 159 -1.48 28.88 -1.76
N GLY A 160 -1.31 28.73 -3.06
CA GLY A 160 -0.15 27.99 -3.55
C GLY A 160 -0.43 26.52 -3.83
N ALA A 161 -1.70 26.15 -3.92
CA ALA A 161 -2.05 24.77 -4.20
C ALA A 161 -2.24 24.59 -5.70
N ILE A 162 -1.88 23.41 -6.19
CA ILE A 162 -2.07 23.09 -7.60
C ILE A 162 -3.57 22.84 -7.74
N VAL A 163 -4.19 23.47 -8.73
CA VAL A 163 -5.62 23.28 -8.95
C VAL A 163 -5.82 22.26 -10.07
N SER A 164 -6.49 21.17 -9.73
CA SER A 164 -6.79 20.07 -10.63
C SER A 164 -8.28 20.04 -10.93
N PHE A 165 -8.62 19.98 -12.21
CA PHE A 165 -10.01 19.96 -12.63
C PHE A 165 -10.27 18.79 -13.59
N ASP A 166 -11.05 17.82 -13.11
CA ASP A 166 -11.41 16.66 -13.92
C ASP A 166 -12.84 16.99 -14.33
N LEU A 167 -13.02 17.34 -15.60
CA LEU A 167 -14.33 17.74 -16.11
C LEU A 167 -15.48 16.84 -15.67
N ASN A 168 -15.37 15.54 -15.92
CA ASN A 168 -16.40 14.61 -15.51
C ASN A 168 -17.78 15.22 -15.81
N PHE A 169 -17.97 15.67 -17.05
CA PHE A 169 -19.23 16.28 -17.48
C PHE A 169 -20.36 15.25 -17.58
N ARG A 170 -21.42 15.48 -16.81
CA ARG A 170 -22.59 14.59 -16.80
C ARG A 170 -23.83 15.43 -17.09
N PRO A 171 -24.12 15.64 -18.38
CA PRO A 171 -25.26 16.41 -18.89
C PRO A 171 -26.58 16.20 -18.16
N MSE A 172 -26.91 14.95 -17.85
CA MSE A 172 -28.16 14.64 -17.17
C MSE A 172 -28.33 15.37 -15.84
O MSE A 172 -29.46 15.59 -15.39
CB MSE A 172 -28.27 13.12 -16.93
CG MSE A 172 -28.35 12.32 -18.22
SE MSE A 172 -28.56 10.39 -17.93
CE MSE A 172 -26.69 9.95 -17.60
N LEU A 173 -27.23 15.76 -15.21
CA LEU A 173 -27.29 16.46 -13.93
C LEU A 173 -27.53 17.96 -14.10
N TRP A 174 -27.48 18.43 -15.34
CA TRP A 174 -27.68 19.84 -15.61
C TRP A 174 -29.11 20.23 -15.95
N PRO A 175 -29.53 21.44 -15.56
CA PRO A 175 -30.87 21.99 -15.79
C PRO A 175 -31.31 21.91 -17.24
N ASN A 176 -32.56 21.49 -17.44
CA ASN A 176 -33.13 21.35 -18.76
C ASN A 176 -33.13 22.68 -19.52
N GLY A 177 -32.70 22.63 -20.78
CA GLY A 177 -32.67 23.83 -21.61
C GLY A 177 -31.58 24.86 -21.33
N GLU A 178 -30.61 24.52 -20.51
CA GLU A 178 -29.53 25.45 -20.20
C GLU A 178 -28.22 25.00 -20.82
N ASN A 179 -27.36 25.96 -21.16
CA ASN A 179 -26.07 25.66 -21.76
C ASN A 179 -24.95 25.71 -20.71
N PRO A 180 -24.34 24.55 -20.41
CA PRO A 180 -23.26 24.41 -19.42
C PRO A 180 -21.92 24.97 -19.89
N ALA A 181 -21.76 25.11 -21.20
CA ALA A 181 -20.51 25.61 -21.79
C ALA A 181 -19.83 26.74 -21.02
N SER A 182 -20.57 27.79 -20.72
CA SER A 182 -20.05 28.95 -20.01
C SER A 182 -19.33 28.61 -18.69
N ARG A 183 -19.98 27.84 -17.84
CA ARG A 183 -19.37 27.45 -16.57
C ARG A 183 -18.20 26.50 -16.77
N LEU A 184 -18.34 25.56 -17.71
CA LEU A 184 -17.27 24.61 -17.96
C LEU A 184 -15.98 25.33 -18.34
N TRP A 185 -16.07 26.31 -19.23
CA TRP A 185 -14.90 27.06 -19.67
C TRP A 185 -14.29 27.91 -18.55
N LYS A 186 -15.13 28.49 -17.70
CA LYS A 186 -14.63 29.28 -16.60
C LYS A 186 -13.87 28.35 -15.66
N GLY A 187 -14.46 27.19 -15.40
CA GLY A 187 -13.81 26.22 -14.54
C GLY A 187 -12.47 25.83 -15.16
N LEU A 188 -12.47 25.56 -16.46
CA LEU A 188 -11.25 25.18 -17.16
C LEU A 188 -10.15 26.23 -17.11
N SER A 189 -10.53 27.49 -17.13
CA SER A 189 -9.56 28.59 -17.11
C SER A 189 -8.89 28.77 -15.74
N LEU A 190 -9.49 28.21 -14.70
CA LEU A 190 -8.94 28.33 -13.34
C LEU A 190 -8.07 27.16 -12.89
N ALA A 191 -7.94 26.14 -13.72
CA ALA A 191 -7.16 24.97 -13.35
C ALA A 191 -5.73 24.92 -13.91
N ASP A 192 -4.81 24.37 -13.12
CA ASP A 192 -3.41 24.22 -13.52
C ASP A 192 -3.31 22.90 -14.28
N VAL A 193 -4.06 21.90 -13.82
CA VAL A 193 -4.08 20.60 -14.46
C VAL A 193 -5.53 20.28 -14.84
N VAL A 194 -5.72 19.89 -16.10
CA VAL A 194 -7.04 19.57 -16.62
C VAL A 194 -7.08 18.16 -17.16
N LYS A 195 -8.13 17.43 -16.82
CA LYS A 195 -8.30 16.06 -17.29
C LYS A 195 -9.65 15.99 -18.02
N LEU A 196 -9.61 15.48 -19.25
CA LEU A 196 -10.80 15.36 -20.07
C LEU A 196 -10.86 13.97 -20.72
N SER A 197 -12.05 13.59 -21.19
CA SER A 197 -12.21 12.33 -21.89
C SER A 197 -12.21 12.78 -23.35
N SER A 198 -11.94 11.88 -24.28
CA SER A 198 -11.90 12.26 -25.70
C SER A 198 -13.25 12.81 -26.14
N GLU A 199 -14.32 12.33 -25.52
CA GLU A 199 -15.66 12.78 -25.85
C GLU A 199 -15.85 14.22 -25.39
N GLU A 200 -15.39 14.54 -24.19
CA GLU A 200 -15.53 15.90 -23.68
C GLU A 200 -14.69 16.84 -24.53
N LEU A 201 -13.56 16.35 -25.03
CA LEU A 201 -12.72 17.19 -25.87
C LEU A 201 -13.52 17.61 -27.11
N ASP A 202 -14.19 16.65 -27.75
CA ASP A 202 -14.99 16.96 -28.94
C ASP A 202 -16.16 17.87 -28.59
N TYR A 203 -16.76 17.65 -27.43
CA TYR A 203 -17.87 18.47 -26.99
C TYR A 203 -17.38 19.92 -26.88
N LEU A 204 -16.26 20.11 -26.20
CA LEU A 204 -15.70 21.46 -26.04
C LEU A 204 -15.34 22.05 -27.39
N ALA A 205 -14.84 21.22 -28.29
CA ALA A 205 -14.48 21.67 -29.64
C ALA A 205 -15.72 22.22 -30.31
N ASN A 206 -16.83 21.50 -30.20
CA ASN A 206 -18.10 21.94 -30.80
C ASN A 206 -18.54 23.28 -30.23
N THR A 207 -18.45 23.44 -28.91
CA THR A 207 -18.85 24.69 -28.28
C THR A 207 -18.07 25.85 -28.90
N LEU A 208 -16.92 25.54 -29.49
CA LEU A 208 -16.08 26.56 -30.13
C LEU A 208 -16.30 26.59 -31.65
N ALA A 209 -17.02 25.60 -32.17
CA ALA A 209 -17.25 25.52 -33.60
C ALA A 209 -15.89 25.40 -34.28
N ALA A 210 -15.02 24.61 -33.66
CA ALA A 210 -13.67 24.40 -34.17
C ALA A 210 -13.18 22.98 -33.90
N ASP A 211 -11.87 22.83 -33.76
CA ASP A 211 -11.28 21.51 -33.51
C ASP A 211 -10.62 21.37 -32.14
N ALA A 212 -10.09 20.18 -31.88
CA ALA A 212 -9.43 19.87 -30.64
C ALA A 212 -8.32 20.85 -30.34
N ASN A 213 -7.60 21.28 -31.38
CA ASN A 213 -6.51 22.21 -31.18
C ASN A 213 -7.00 23.54 -30.65
N ALA A 214 -8.17 23.97 -31.09
CA ALA A 214 -8.72 25.24 -30.62
C ALA A 214 -9.02 25.16 -29.13
N VAL A 215 -9.46 23.99 -28.67
CA VAL A 215 -9.76 23.81 -27.26
C VAL A 215 -8.48 23.91 -26.44
N ILE A 216 -7.48 23.15 -26.86
CA ILE A 216 -6.19 23.15 -26.19
C ILE A 216 -5.61 24.55 -26.09
N GLN A 217 -5.66 25.31 -27.19
CA GLN A 217 -5.12 26.67 -27.19
C GLN A 217 -5.94 27.57 -26.27
N GLN A 218 -7.25 27.36 -26.23
CA GLN A 218 -8.10 28.15 -25.36
C GLN A 218 -7.66 27.90 -23.92
N LEU A 219 -7.40 26.64 -23.62
CA LEU A 219 -6.97 26.22 -22.29
C LEU A 219 -5.72 26.99 -21.86
N TRP A 220 -4.75 27.08 -22.76
CA TRP A 220 -3.50 27.78 -22.46
C TRP A 220 -3.70 29.27 -22.20
N GLN A 221 -4.89 29.78 -22.52
CA GLN A 221 -5.20 31.19 -22.28
C GLN A 221 -5.46 31.46 -20.80
N GLY A 222 -5.75 30.42 -20.04
CA GLY A 222 -6.01 30.59 -18.62
C GLY A 222 -4.84 30.13 -17.78
N ARG A 223 -5.14 29.36 -16.73
CA ARG A 223 -4.14 28.83 -15.81
C ARG A 223 -3.49 27.50 -16.23
N ALA A 224 -4.19 26.72 -17.05
CA ALA A 224 -3.72 25.40 -17.46
C ALA A 224 -2.29 25.25 -17.96
N GLN A 225 -1.58 24.27 -17.39
CA GLN A 225 -0.20 23.96 -17.76
C GLN A 225 -0.08 22.52 -18.26
N LEU A 226 -1.04 21.68 -17.85
CA LEU A 226 -1.05 20.29 -18.26
C LEU A 226 -2.48 19.80 -18.55
N LEU A 227 -2.65 19.17 -19.70
CA LEU A 227 -3.92 18.62 -20.12
C LEU A 227 -3.76 17.11 -20.36
N LEU A 228 -4.69 16.34 -19.80
CA LEU A 228 -4.68 14.90 -19.95
C LEU A 228 -6.00 14.49 -20.59
N VAL A 229 -5.91 13.78 -21.71
CA VAL A 229 -7.09 13.31 -22.41
C VAL A 229 -7.08 11.79 -22.45
N THR A 230 -8.01 11.18 -21.71
CA THR A 230 -8.11 9.72 -21.64
C THR A 230 -8.96 9.17 -22.77
N ASP A 231 -8.89 7.86 -22.99
CA ASP A 231 -9.63 7.26 -24.09
C ASP A 231 -10.43 6.00 -23.81
N ALA A 232 -11.06 5.49 -24.87
CA ALA A 232 -11.87 4.27 -24.79
C ALA A 232 -11.06 3.18 -24.12
N ALA A 233 -9.92 2.88 -24.72
CA ALA A 233 -9.01 1.87 -24.21
C ALA A 233 -7.65 2.17 -24.83
N GLY A 234 -7.57 3.35 -25.46
CA GLY A 234 -6.34 3.79 -26.09
C GLY A 234 -5.39 4.40 -25.09
N PRO A 235 -4.26 4.96 -25.55
CA PRO A 235 -3.30 5.58 -24.63
C PRO A 235 -3.80 6.92 -24.11
N VAL A 236 -3.20 7.38 -23.03
CA VAL A 236 -3.55 8.67 -22.47
C VAL A 236 -2.71 9.71 -23.23
N HIS A 237 -3.33 10.79 -23.67
CA HIS A 237 -2.60 11.85 -24.37
C HIS A 237 -2.34 12.99 -23.40
N TRP A 238 -1.11 13.48 -23.38
CA TRP A 238 -0.77 14.59 -22.51
C TRP A 238 -0.39 15.76 -23.39
N TYR A 239 -0.67 16.97 -22.89
CA TYR A 239 -0.37 18.20 -23.60
C TYR A 239 0.10 19.26 -22.62
N THR A 240 1.08 20.05 -23.03
CA THR A 240 1.60 21.15 -22.23
C THR A 240 1.64 22.34 -23.20
N ARG A 241 2.04 23.51 -22.69
CA ARG A 241 2.10 24.69 -23.54
C ARG A 241 3.27 24.60 -24.53
N THR A 242 4.17 23.64 -24.34
CA THR A 242 5.32 23.51 -25.25
C THR A 242 5.42 22.19 -26.00
N ALA A 243 4.57 21.22 -25.67
CA ALA A 243 4.61 19.92 -26.34
C ALA A 243 3.43 19.02 -26.04
N GLY A 244 3.49 17.83 -26.61
CA GLY A 244 2.46 16.83 -26.44
C GLY A 244 2.98 15.45 -26.78
N GLY A 245 2.24 14.43 -26.37
CA GLY A 245 2.63 13.07 -26.65
C GLY A 245 1.60 12.14 -26.06
N GLU A 246 1.89 10.85 -26.04
CA GLU A 246 0.96 9.92 -25.43
C GLU A 246 1.68 9.03 -24.44
N VAL A 247 0.93 8.60 -23.44
CA VAL A 247 1.47 7.76 -22.38
C VAL A 247 1.23 6.30 -22.67
N PRO A 248 2.31 5.53 -22.88
CA PRO A 248 2.13 4.09 -23.15
C PRO A 248 1.76 3.44 -21.83
N THR A 249 0.87 2.46 -21.88
CA THR A 249 0.45 1.77 -20.66
C THR A 249 0.35 0.26 -20.87
N PHE A 250 0.45 -0.49 -19.77
CA PHE A 250 0.34 -1.94 -19.78
C PHE A 250 -0.53 -2.40 -18.61
N GLY A 261 -10.12 5.67 -16.25
CA GLY A 261 -10.71 6.99 -16.10
C GLY A 261 -10.52 7.55 -14.71
N ASP A 262 -11.44 7.22 -13.80
CA ASP A 262 -11.36 7.70 -12.42
C ASP A 262 -10.21 7.03 -11.68
N ALA A 263 -9.99 5.76 -12.00
CA ALA A 263 -8.91 5.02 -11.37
C ALA A 263 -7.64 5.81 -11.61
N PHE A 264 -7.43 6.22 -12.85
CA PHE A 264 -6.28 7.00 -13.24
C PHE A 264 -6.13 8.29 -12.40
N VAL A 265 -7.21 9.06 -12.32
CA VAL A 265 -7.17 10.31 -11.57
C VAL A 265 -6.67 10.11 -10.15
N GLY A 266 -7.14 9.07 -9.49
CA GLY A 266 -6.70 8.80 -8.13
C GLY A 266 -5.21 8.50 -8.11
N GLY A 267 -4.76 7.68 -9.05
CA GLY A 267 -3.34 7.34 -9.11
C GLY A 267 -2.51 8.58 -9.38
N MSE A 268 -3.03 9.44 -10.26
CA MSE A 268 -2.36 10.68 -10.62
C MSE A 268 -2.21 11.66 -9.46
O MSE A 268 -1.13 12.19 -9.23
CB MSE A 268 -3.10 11.37 -11.77
CG MSE A 268 -2.44 12.66 -12.20
SE MSE A 268 -3.55 13.58 -13.48
CE MSE A 268 -4.80 14.40 -12.26
N LEU A 269 -3.30 11.94 -8.75
CA LEU A 269 -3.23 12.88 -7.62
C LEU A 269 -2.31 12.34 -6.54
N TYR A 270 -2.43 11.04 -6.27
CA TYR A 270 -1.61 10.38 -5.27
C TYR A 270 -0.13 10.55 -5.62
N THR A 271 0.23 10.25 -6.86
CA THR A 271 1.61 10.37 -7.29
C THR A 271 2.10 11.82 -7.34
N PHE A 272 1.27 12.74 -7.85
CA PHE A 272 1.67 14.15 -7.89
C PHE A 272 2.00 14.65 -6.49
N ALA A 273 1.15 14.32 -5.53
CA ALA A 273 1.37 14.75 -4.16
C ALA A 273 2.69 14.18 -3.63
N GLN A 274 3.02 12.98 -4.06
CA GLN A 274 4.26 12.31 -3.64
C GLN A 274 5.51 12.90 -4.31
N GLN A 275 5.35 13.46 -5.52
CA GLN A 275 6.47 14.04 -6.27
C GLN A 275 6.72 15.52 -6.14
N PHE A 276 5.66 16.32 -6.19
CA PHE A 276 5.81 17.76 -6.12
C PHE A 276 5.88 18.30 -4.69
N ASP A 277 6.88 19.14 -4.44
CA ASP A 277 7.04 19.74 -3.12
C ASP A 277 6.17 20.99 -3.02
N ASP A 278 5.84 21.56 -4.18
CA ASP A 278 5.01 22.75 -4.25
C ASP A 278 4.41 22.90 -5.65
N ALA A 279 3.63 23.96 -5.83
CA ALA A 279 2.98 24.23 -7.12
C ALA A 279 3.98 24.55 -8.22
N ALA A 280 5.14 25.06 -7.86
CA ALA A 280 6.17 25.40 -8.83
C ALA A 280 6.75 24.14 -9.47
N ALA A 281 6.75 23.04 -8.72
CA ALA A 281 7.28 21.78 -9.25
C ALA A 281 6.50 21.33 -10.47
N LEU A 282 5.23 21.72 -10.57
CA LEU A 282 4.41 21.33 -11.71
C LEU A 282 5.00 21.90 -12.99
N ILE A 283 5.49 23.15 -12.93
CA ILE A 283 6.08 23.78 -14.10
C ILE A 283 7.30 23.01 -14.61
N ASP A 284 8.19 22.65 -13.70
CA ASP A 284 9.38 21.91 -14.08
C ASP A 284 8.95 20.59 -14.68
N PHE A 285 7.90 20.00 -14.11
CA PHE A 285 7.37 18.73 -14.58
C PHE A 285 6.89 18.85 -16.02
N CYS A 286 6.13 19.88 -16.32
CA CYS A 286 5.58 20.09 -17.65
C CYS A 286 6.63 20.33 -18.74
N HIS A 287 7.82 20.75 -18.34
CA HIS A 287 8.91 20.98 -19.29
C HIS A 287 9.79 19.73 -19.42
N ASP A 288 9.35 18.62 -18.83
CA ASP A 288 10.14 17.40 -18.84
C ASP A 288 9.32 16.18 -19.31
N PRO A 289 9.18 16.01 -20.63
CA PRO A 289 8.40 14.90 -21.21
C PRO A 289 8.79 13.52 -20.65
N GLU A 290 10.08 13.30 -20.42
CA GLU A 290 10.53 12.02 -19.87
C GLU A 290 9.90 11.79 -18.51
N SER A 291 9.89 12.81 -17.68
CA SER A 291 9.31 12.69 -16.35
C SER A 291 7.80 12.51 -16.50
N ILE A 292 7.20 13.29 -17.39
CA ILE A 292 5.76 13.22 -17.63
C ILE A 292 5.34 11.80 -17.95
N VAL A 293 6.02 11.20 -18.92
CA VAL A 293 5.73 9.84 -19.34
C VAL A 293 5.90 8.83 -18.22
N SER A 294 7.03 8.91 -17.51
CA SER A 294 7.30 7.99 -16.41
C SER A 294 6.26 8.10 -15.28
N THR A 295 5.96 9.33 -14.88
CA THR A 295 5.01 9.59 -13.82
C THR A 295 3.58 9.16 -14.14
N LEU A 296 3.11 9.46 -15.35
CA LEU A 296 1.75 9.08 -15.73
C LEU A 296 1.62 7.57 -15.94
N ARG A 297 2.66 6.94 -16.46
CA ARG A 297 2.60 5.50 -16.65
C ARG A 297 2.46 4.90 -15.25
N PHE A 298 3.22 5.45 -14.31
CA PHE A 298 3.18 4.96 -12.93
C PHE A 298 1.83 5.24 -12.28
N ALA A 299 1.30 6.44 -12.48
CA ALA A 299 0.02 6.83 -11.91
C ALA A 299 -1.06 5.83 -12.35
N ALA A 300 -1.00 5.45 -13.62
CA ALA A 300 -1.95 4.50 -14.17
C ALA A 300 -1.82 3.13 -13.49
N ALA A 301 -0.59 2.68 -13.31
CA ALA A 301 -0.31 1.38 -12.70
C ALA A 301 -0.75 1.32 -11.23
N VAL A 302 -0.21 2.22 -10.43
CA VAL A 302 -0.52 2.25 -9.01
C VAL A 302 -2.02 2.51 -8.77
N GLY A 303 -2.66 3.14 -9.74
CA GLY A 303 -4.08 3.43 -9.61
C GLY A 303 -4.92 2.19 -9.41
N ALA A 304 -4.53 1.12 -10.09
CA ALA A 304 -5.24 -0.15 -9.99
C ALA A 304 -5.33 -0.63 -8.54
N LEU A 305 -4.36 -0.23 -7.72
CA LEU A 305 -4.33 -0.65 -6.33
C LEU A 305 -5.39 -0.02 -5.45
N ALA A 306 -6.05 1.02 -5.95
CA ALA A 306 -7.10 1.69 -5.19
C ALA A 306 -8.45 1.01 -5.47
N VAL A 307 -8.42 -0.06 -6.25
CA VAL A 307 -9.60 -0.81 -6.62
C VAL A 307 -9.90 -1.92 -5.61
N ALA A 312 -6.18 -11.01 0.08
CA ALA A 312 -5.06 -11.33 -0.81
C ALA A 312 -5.43 -11.13 -2.28
N PHE A 313 -4.49 -10.61 -3.06
CA PHE A 313 -4.73 -10.37 -4.49
C PHE A 313 -3.44 -10.40 -5.30
N THR A 314 -3.59 -10.60 -6.61
CA THR A 314 -2.44 -10.63 -7.52
C THR A 314 -2.01 -9.21 -7.80
N ALA A 315 -0.71 -8.99 -7.87
CA ALA A 315 -0.18 -7.67 -8.17
C ALA A 315 0.50 -7.81 -9.53
N MSE A 316 0.38 -9.01 -10.10
CA MSE A 316 0.96 -9.33 -11.40
C MSE A 316 -0.07 -9.09 -12.50
O MSE A 316 -1.28 -9.17 -12.25
CB MSE A 316 1.41 -10.80 -11.43
CG MSE A 316 2.45 -11.17 -10.39
SE MSE A 316 4.16 -10.44 -10.90
CE MSE A 316 4.57 -11.74 -12.30
N PRO A 317 0.37 -8.80 -13.72
CA PRO A 317 1.77 -8.69 -14.12
C PRO A 317 2.40 -7.32 -13.85
N MSE A 318 1.58 -6.37 -13.40
CA MSE A 318 2.03 -5.00 -13.12
C MSE A 318 3.26 -4.89 -12.24
O MSE A 318 4.18 -4.12 -12.54
CB MSE A 318 0.90 -4.19 -12.48
CG MSE A 318 1.29 -2.74 -12.09
SE MSE A 318 2.23 -2.58 -10.36
CE MSE A 318 0.72 -2.85 -9.22
N LEU A 319 3.28 -5.65 -11.14
CA LEU A 319 4.40 -5.61 -10.21
C LEU A 319 5.71 -5.87 -10.95
N SER A 320 5.74 -6.96 -11.72
CA SER A 320 6.93 -7.31 -12.49
C SER A 320 7.23 -6.28 -13.56
N GLU A 321 6.20 -5.78 -14.22
CA GLU A 321 6.36 -4.78 -15.26
C GLU A 321 7.01 -3.51 -14.69
N VAL A 322 6.50 -3.03 -13.57
CA VAL A 322 7.03 -1.82 -12.93
C VAL A 322 8.46 -2.02 -12.44
N LEU A 323 8.70 -3.14 -11.76
CA LEU A 323 10.03 -3.45 -11.23
C LEU A 323 11.11 -3.60 -12.31
N SER A 324 10.78 -4.29 -13.40
CA SER A 324 11.77 -4.50 -14.47
C SER A 324 12.16 -3.18 -15.13
N LEU A 325 11.20 -2.28 -15.27
CA LEU A 325 11.46 -1.00 -15.89
C LEU A 325 12.44 -0.20 -15.03
N ILE A 326 12.20 -0.15 -13.72
CA ILE A 326 13.09 0.58 -12.82
C ILE A 326 14.49 -0.04 -12.84
N GLN A 327 14.56 -1.36 -12.91
CA GLN A 327 15.84 -2.07 -12.94
C GLN A 327 16.64 -1.69 -14.18
N GLU A 328 16.00 -1.73 -15.34
CA GLU A 328 16.65 -1.39 -16.61
C GLU A 328 17.12 0.05 -16.60
N GLN A 329 16.28 0.94 -16.07
CA GLN A 329 16.62 2.36 -16.03
C GLN A 329 17.79 2.64 -15.09
N SER A 330 17.92 1.86 -14.02
CA SER A 330 19.01 2.04 -13.07
C SER A 330 20.31 1.45 -13.62
N GLU A 331 20.16 0.40 -14.41
CA GLU A 331 21.29 -0.31 -15.01
C GLU A 331 21.90 0.48 -16.17
N LEU B 3 -4.30 -23.49 -5.92
CA LEU B 3 -3.32 -22.37 -5.78
C LEU B 3 -2.27 -22.64 -4.71
N LYS B 4 -1.02 -22.67 -5.12
CA LYS B 4 0.08 -22.92 -4.19
C LYS B 4 0.95 -21.67 -4.17
N LYS B 5 0.42 -20.61 -3.57
CA LYS B 5 1.10 -19.32 -3.50
C LYS B 5 1.19 -18.75 -2.09
N THR B 6 0.79 -19.53 -1.10
CA THR B 6 0.79 -19.05 0.27
C THR B 6 2.16 -19.07 0.94
N ILE B 7 2.41 -18.02 1.74
CA ILE B 7 3.64 -17.93 2.49
C ILE B 7 3.31 -18.33 3.92
N LEU B 8 4.00 -19.34 4.40
CA LEU B 8 3.80 -19.85 5.74
C LEU B 8 4.92 -19.39 6.67
N CYS B 9 4.55 -18.58 7.66
CA CYS B 9 5.49 -18.06 8.63
C CYS B 9 5.31 -18.83 9.93
N PHE B 10 6.36 -19.53 10.33
CA PHE B 10 6.30 -20.36 11.52
C PHE B 10 7.15 -19.90 12.68
N GLY B 11 6.62 -20.05 13.89
CA GLY B 11 7.41 -19.68 15.04
C GLY B 11 6.70 -18.95 16.16
N GLU B 12 7.37 -17.92 16.67
CA GLU B 12 6.83 -17.17 17.77
C GLU B 12 6.18 -15.86 17.40
N ALA B 13 5.11 -15.57 18.14
CA ALA B 13 4.35 -14.35 18.05
C ALA B 13 4.30 -14.00 19.54
N LEU B 14 4.79 -12.82 19.90
CA LEU B 14 4.82 -12.40 21.30
C LEU B 14 4.53 -10.93 21.42
N ILE B 15 4.45 -10.46 22.67
CA ILE B 15 4.19 -9.06 22.93
C ILE B 15 5.47 -8.32 23.30
N ASP B 16 5.71 -7.21 22.63
CA ASP B 16 6.85 -6.37 22.98
C ASP B 16 6.24 -5.29 23.88
N MSE B 17 6.74 -5.19 25.11
CA MSE B 17 6.26 -4.18 26.06
C MSE B 17 7.32 -3.09 26.11
O MSE B 17 8.39 -3.26 26.70
CB MSE B 17 6.07 -4.80 27.46
CG MSE B 17 4.94 -5.79 27.58
SE MSE B 17 3.17 -4.98 27.50
CE MSE B 17 2.98 -4.48 29.35
N LEU B 18 7.00 -1.97 25.46
CA LEU B 18 7.91 -0.83 25.38
C LEU B 18 7.78 0.11 26.56
N ALA B 19 8.82 0.16 27.38
CA ALA B 19 8.86 1.02 28.56
C ALA B 19 8.92 2.47 28.09
N GLN B 20 8.04 3.30 28.65
CA GLN B 20 8.01 4.71 28.30
C GLN B 20 8.78 5.54 29.32
N PRO B 21 9.30 6.70 28.90
CA PRO B 21 10.05 7.59 29.79
C PRO B 21 9.17 8.03 30.96
N LEU B 22 9.79 8.35 32.09
CA LEU B 22 9.04 8.77 33.27
C LEU B 22 8.31 10.09 33.02
N PRO B 28 4.05 6.78 37.82
CA PRO B 28 3.90 5.36 37.51
C PRO B 28 4.32 5.09 36.07
N ARG B 29 5.43 4.39 35.89
CA ARG B 29 5.92 4.09 34.55
C ARG B 29 4.88 3.38 33.69
N ALA B 30 4.85 3.74 32.41
CA ALA B 30 3.93 3.14 31.45
C ALA B 30 4.66 2.21 30.50
N PHE B 31 3.97 1.16 30.08
CA PHE B 31 4.51 0.20 29.14
C PHE B 31 3.50 0.05 28.02
N LEU B 32 3.96 0.21 26.78
CA LEU B 32 3.10 0.11 25.60
C LEU B 32 3.11 -1.28 24.97
N GLN B 33 1.92 -1.81 24.74
CA GLN B 33 1.73 -3.12 24.15
C GLN B 33 1.90 -3.12 22.62
N CYS B 34 2.87 -3.89 22.13
CA CYS B 34 3.11 -3.98 20.70
C CYS B 34 3.26 -5.41 20.19
N ALA B 35 2.53 -5.75 19.13
CA ALA B 35 2.61 -7.08 18.57
C ALA B 35 4.03 -7.30 18.06
N GLY B 36 4.57 -8.49 18.30
CA GLY B 36 5.93 -8.79 17.86
C GLY B 36 6.18 -10.26 17.57
N GLY B 37 7.46 -10.59 17.36
CA GLY B 37 7.85 -11.95 17.03
C GLY B 37 8.38 -11.90 15.61
N ALA B 38 9.58 -12.45 15.39
CA ALA B 38 10.20 -12.42 14.07
C ALA B 38 9.30 -12.93 12.94
N PRO B 39 8.93 -14.22 12.98
CA PRO B 39 8.06 -14.71 11.89
C PRO B 39 6.69 -14.03 11.82
N ALA B 40 6.21 -13.53 12.97
CA ALA B 40 4.91 -12.87 13.00
C ALA B 40 5.01 -11.55 12.24
N ASN B 41 6.11 -10.83 12.45
CA ASN B 41 6.34 -9.55 11.78
C ASN B 41 6.38 -9.77 10.27
N VAL B 42 7.08 -10.80 9.83
CA VAL B 42 7.18 -11.11 8.42
C VAL B 42 5.80 -11.36 7.82
N ALA B 43 4.99 -12.13 8.53
CA ALA B 43 3.64 -12.46 8.07
C ALA B 43 2.81 -11.18 7.86
N VAL B 44 2.86 -10.28 8.83
CA VAL B 44 2.08 -9.04 8.73
C VAL B 44 2.60 -8.17 7.60
N ALA B 45 3.91 -8.15 7.40
CA ALA B 45 4.48 -7.36 6.33
C ALA B 45 3.97 -7.88 4.99
N VAL B 46 3.94 -9.20 4.83
CA VAL B 46 3.48 -9.82 3.60
C VAL B 46 1.99 -9.50 3.38
N ALA B 47 1.19 -9.62 4.43
CA ALA B 47 -0.23 -9.37 4.36
C ALA B 47 -0.53 -7.91 3.99
N ARG B 48 0.24 -6.99 4.55
CA ARG B 48 0.05 -5.58 4.29
C ARG B 48 0.29 -5.32 2.79
N LEU B 49 1.18 -6.09 2.19
CA LEU B 49 1.48 -5.94 0.78
C LEU B 49 0.41 -6.57 -0.10
N GLY B 50 -0.47 -7.36 0.51
CA GLY B 50 -1.53 -8.01 -0.23
C GLY B 50 -1.25 -9.47 -0.59
N GLY B 51 -0.16 -10.03 -0.06
CA GLY B 51 0.18 -11.40 -0.37
C GLY B 51 -0.58 -12.43 0.46
N ALA B 52 -0.68 -13.65 -0.06
CA ALA B 52 -1.36 -14.73 0.65
C ALA B 52 -0.38 -15.24 1.71
N VAL B 53 -0.75 -15.10 2.97
CA VAL B 53 0.14 -15.53 4.04
C VAL B 53 -0.60 -16.09 5.23
N GLN B 54 0.02 -17.06 5.88
CA GLN B 54 -0.55 -17.72 7.04
C GLN B 54 0.50 -17.78 8.16
N PHE B 55 0.11 -17.45 9.39
CA PHE B 55 1.05 -17.56 10.50
C PHE B 55 0.76 -18.88 11.18
N VAL B 56 1.79 -19.69 11.39
CA VAL B 56 1.60 -20.98 12.05
C VAL B 56 2.41 -20.99 13.34
N GLY B 57 1.70 -21.16 14.45
CA GLY B 57 2.35 -21.17 15.75
C GLY B 57 1.30 -21.29 16.83
N MSE B 58 1.76 -21.29 18.08
CA MSE B 58 0.85 -21.41 19.20
C MSE B 58 0.79 -20.11 19.99
O MSE B 58 1.81 -19.49 20.28
CB MSE B 58 1.30 -22.57 20.11
CG MSE B 58 0.31 -22.94 21.20
SE MSE B 58 0.85 -24.59 22.05
CE MSE B 58 -0.38 -25.80 21.14
N LEU B 59 -0.43 -19.69 20.32
CA LEU B 59 -0.68 -18.48 21.08
C LEU B 59 -1.34 -18.88 22.40
N GLY B 60 -1.03 -18.15 23.46
CA GLY B 60 -1.63 -18.48 24.74
C GLY B 60 -3.11 -18.19 24.73
N SER B 61 -3.84 -18.79 25.66
CA SER B 61 -5.27 -18.56 25.79
C SER B 61 -5.39 -17.48 26.87
N ASP B 62 -4.80 -16.33 26.58
CA ASP B 62 -4.82 -15.22 27.50
C ASP B 62 -5.06 -13.91 26.73
N MSE B 63 -5.13 -12.81 27.46
CA MSE B 63 -5.38 -11.49 26.87
C MSE B 63 -4.40 -11.13 25.76
O MSE B 63 -4.77 -10.51 24.77
CB MSE B 63 -5.37 -10.40 27.96
CG MSE B 63 -4.06 -10.24 28.72
SE MSE B 63 -4.10 -8.82 30.07
CE MSE B 63 -5.12 -9.78 31.44
N PHE B 64 -3.15 -11.51 25.94
CA PHE B 64 -2.13 -11.18 24.95
C PHE B 64 -2.26 -12.06 23.71
N GLY B 65 -2.64 -13.32 23.91
CA GLY B 65 -2.83 -14.23 22.81
C GLY B 65 -3.99 -13.75 21.95
N ASP B 66 -5.05 -13.27 22.61
CA ASP B 66 -6.21 -12.77 21.89
C ASP B 66 -5.82 -11.55 21.07
N PHE B 67 -5.01 -10.68 21.67
CA PHE B 67 -4.53 -9.48 20.99
C PHE B 67 -3.72 -9.83 19.74
N LEU B 68 -2.88 -10.85 19.85
CA LEU B 68 -2.07 -11.27 18.70
C LEU B 68 -2.97 -11.90 17.63
N PHE B 69 -3.92 -12.73 18.04
CA PHE B 69 -4.84 -13.36 17.10
C PHE B 69 -5.60 -12.30 16.32
N ASP B 70 -6.20 -11.36 17.03
CA ASP B 70 -6.97 -10.29 16.39
C ASP B 70 -6.11 -9.39 15.51
N SER B 71 -4.86 -9.16 15.92
CA SER B 71 -3.96 -8.33 15.12
C SER B 71 -3.63 -9.02 13.80
N PHE B 72 -3.49 -10.34 13.82
CA PHE B 72 -3.20 -11.08 12.58
C PHE B 72 -4.42 -10.96 11.66
N ALA B 73 -5.59 -11.24 12.22
CA ALA B 73 -6.84 -11.18 11.46
C ALA B 73 -7.10 -9.82 10.83
N GLU B 74 -6.88 -8.75 11.58
CA GLU B 74 -7.10 -7.40 11.08
C GLU B 74 -6.11 -7.04 9.97
N ALA B 75 -4.93 -7.64 10.01
CA ALA B 75 -3.91 -7.36 9.00
C ALA B 75 -4.12 -8.21 7.75
N GLY B 76 -4.97 -9.22 7.85
CA GLY B 76 -5.21 -10.07 6.70
C GLY B 76 -4.41 -11.36 6.69
N VAL B 77 -3.74 -11.67 7.80
CA VAL B 77 -2.97 -12.91 7.90
C VAL B 77 -3.94 -14.04 8.20
N VAL B 78 -3.91 -15.10 7.40
CA VAL B 78 -4.81 -16.23 7.65
C VAL B 78 -4.45 -16.85 9.01
N THR B 79 -5.46 -17.11 9.84
CA THR B 79 -5.25 -17.64 11.18
C THR B 79 -5.57 -19.13 11.38
N ASP B 80 -6.04 -19.81 10.34
CA ASP B 80 -6.41 -21.23 10.43
C ASP B 80 -5.33 -22.15 11.01
N GLY B 81 -4.07 -21.74 10.90
CA GLY B 81 -2.98 -22.56 11.41
C GLY B 81 -2.54 -22.25 12.83
N ILE B 82 -3.24 -21.35 13.48
CA ILE B 82 -2.89 -20.98 14.84
C ILE B 82 -3.54 -21.93 15.83
N VAL B 83 -2.77 -22.37 16.83
CA VAL B 83 -3.29 -23.24 17.87
C VAL B 83 -3.12 -22.52 19.20
N ARG B 84 -3.96 -22.88 20.17
CA ARG B 84 -3.94 -22.23 21.48
C ARG B 84 -3.63 -23.17 22.65
N THR B 85 -3.12 -22.59 23.73
CA THR B 85 -2.80 -23.36 24.93
C THR B 85 -2.95 -22.49 26.18
N SER B 86 -3.38 -23.11 27.28
CA SER B 86 -3.52 -22.41 28.55
C SER B 86 -2.44 -22.93 29.47
N THR B 87 -1.57 -23.78 28.94
CA THR B 87 -0.48 -24.37 29.71
C THR B 87 0.61 -23.35 30.02
N ALA B 88 0.77 -22.37 29.14
CA ALA B 88 1.77 -21.33 29.36
C ALA B 88 1.24 -20.00 28.82
N LYS B 89 1.82 -18.91 29.30
CA LYS B 89 1.40 -17.58 28.88
C LYS B 89 2.13 -17.14 27.62
N THR B 90 1.53 -16.19 26.91
CA THR B 90 2.12 -15.62 25.71
C THR B 90 3.43 -14.96 26.17
N ALA B 91 4.50 -15.18 25.43
CA ALA B 91 5.78 -14.60 25.78
C ALA B 91 5.73 -13.08 25.79
N LEU B 92 6.54 -12.48 26.66
CA LEU B 92 6.61 -11.03 26.78
C LEU B 92 8.05 -10.61 26.65
N ALA B 93 8.29 -9.54 25.90
CA ALA B 93 9.63 -9.01 25.72
C ALA B 93 9.60 -7.54 26.17
N PHE B 94 10.11 -7.29 27.36
CA PHE B 94 10.14 -5.93 27.91
C PHE B 94 11.36 -5.18 27.35
N VAL B 95 11.11 -4.01 26.79
CA VAL B 95 12.18 -3.20 26.23
C VAL B 95 12.25 -1.86 26.95
N ALA B 96 13.40 -1.56 27.53
CA ALA B 96 13.59 -0.31 28.25
C ALA B 96 14.99 0.22 28.02
N LEU B 97 15.49 1.01 28.97
CA LEU B 97 16.82 1.59 28.86
C LEU B 97 17.63 1.47 30.16
N ASP B 98 18.95 1.40 30.01
CA ASP B 98 19.87 1.33 31.15
C ASP B 98 21.29 1.01 30.70
N GLY B 101 22.16 3.87 29.10
CA GLY B 101 21.23 4.37 28.11
C GLY B 101 21.07 3.46 26.91
N GLU B 102 21.55 2.22 27.04
CA GLU B 102 21.43 1.24 25.96
C GLU B 102 20.06 0.57 26.03
N ARG B 103 19.55 0.17 24.87
CA ARG B 103 18.26 -0.50 24.78
C ARG B 103 18.34 -1.86 25.48
N SER B 104 17.78 -1.94 26.68
CA SER B 104 17.82 -3.15 27.48
C SER B 104 16.73 -4.16 27.12
N PHE B 105 16.82 -5.36 27.70
CA PHE B 105 15.85 -6.43 27.43
C PHE B 105 15.60 -7.34 28.64
N SER B 106 14.36 -7.81 28.73
CA SER B 106 13.93 -8.72 29.79
C SER B 106 12.80 -9.55 29.20
N PHE B 107 13.06 -10.84 28.99
CA PHE B 107 12.09 -11.73 28.39
C PHE B 107 11.39 -12.67 29.37
N TYR B 108 10.12 -12.93 29.11
CA TYR B 108 9.36 -13.87 29.92
C TYR B 108 9.16 -15.06 28.96
N ARG B 109 10.23 -15.84 28.84
CA ARG B 109 10.34 -17.01 27.96
C ARG B 109 11.79 -17.42 28.19
N PRO B 110 12.12 -18.72 28.23
CA PRO B 110 11.52 -20.05 28.10
C PRO B 110 10.06 -20.34 28.40
N PRO B 111 9.69 -20.43 29.68
CA PRO B 111 8.26 -20.75 29.80
C PRO B 111 7.40 -19.81 28.95
N ALA B 112 6.76 -20.36 27.91
CA ALA B 112 5.89 -19.58 27.02
C ALA B 112 5.07 -20.45 26.05
N ALA B 113 3.90 -19.94 25.65
CA ALA B 113 3.01 -20.65 24.76
C ALA B 113 3.62 -21.06 23.41
N ASP B 114 4.30 -20.15 22.73
CA ASP B 114 4.87 -20.48 21.42
C ASP B 114 5.82 -21.69 21.42
N LEU B 115 6.47 -21.95 22.56
CA LEU B 115 7.40 -23.07 22.68
C LEU B 115 6.71 -24.44 22.75
N LEU B 116 5.40 -24.45 22.95
CA LEU B 116 4.68 -25.70 23.09
C LEU B 116 4.09 -26.27 21.80
N PHE B 117 4.34 -25.59 20.68
CA PHE B 117 3.84 -26.08 19.40
C PHE B 117 4.54 -27.41 19.11
N ARG B 118 3.80 -28.41 18.68
CA ARG B 118 4.40 -29.70 18.37
C ARG B 118 4.05 -30.12 16.96
N VAL B 119 4.77 -31.11 16.43
CA VAL B 119 4.55 -31.58 15.07
C VAL B 119 3.08 -31.90 14.81
N GLU B 120 2.41 -32.47 15.80
CA GLU B 120 1.01 -32.82 15.67
C GLU B 120 0.13 -31.61 15.35
N HIS B 121 0.60 -30.40 15.67
CA HIS B 121 -0.17 -29.19 15.41
C HIS B 121 -0.12 -28.71 13.96
N PHE B 122 0.83 -29.21 13.18
CA PHE B 122 0.92 -28.82 11.77
C PHE B 122 -0.29 -29.38 11.04
N GLN B 123 -0.77 -28.64 10.05
CA GLN B 123 -1.91 -29.05 9.25
C GLN B 123 -1.45 -29.28 7.81
N ASP B 124 -1.78 -30.44 7.27
CA ASP B 124 -1.38 -30.78 5.90
C ASP B 124 -1.80 -29.73 4.89
N ALA B 125 -2.97 -29.13 5.09
CA ALA B 125 -3.48 -28.11 4.17
C ALA B 125 -2.56 -26.88 4.08
N SER B 126 -1.91 -26.54 5.18
CA SER B 126 -1.00 -25.38 5.20
C SER B 126 0.17 -25.65 4.26
N PHE B 127 0.76 -26.85 4.37
CA PHE B 127 1.89 -27.21 3.52
C PHE B 127 1.48 -27.44 2.07
N SER B 128 0.24 -27.88 1.88
CA SER B 128 -0.27 -28.16 0.56
C SER B 128 -0.38 -26.89 -0.30
N ASP B 129 -0.84 -25.80 0.31
CA ASP B 129 -1.00 -24.54 -0.40
C ASP B 129 0.24 -23.66 -0.27
N ALA B 130 1.22 -24.10 0.50
CA ALA B 130 2.42 -23.28 0.71
C ALA B 130 3.46 -23.29 -0.40
N LEU B 131 3.87 -22.09 -0.79
CA LEU B 131 4.91 -21.93 -1.81
C LEU B 131 6.20 -21.64 -1.06
N ILE B 132 6.06 -21.09 0.14
CA ILE B 132 7.19 -20.73 0.98
C ILE B 132 6.94 -21.01 2.46
N PHE B 133 7.96 -21.52 3.15
CA PHE B 133 7.89 -21.79 4.58
C PHE B 133 9.02 -20.98 5.20
N HIS B 134 8.67 -20.03 6.06
CA HIS B 134 9.69 -19.19 6.68
C HIS B 134 9.81 -19.40 8.18
N ALA B 135 11.05 -19.47 8.65
CA ALA B 135 11.31 -19.70 10.08
C ALA B 135 12.55 -18.94 10.57
N CYS B 136 12.70 -18.92 11.88
CA CYS B 136 13.82 -18.22 12.53
C CYS B 136 14.41 -19.10 13.64
N SER B 137 15.55 -18.70 14.18
CA SER B 137 16.20 -19.50 15.22
C SER B 137 15.56 -19.42 16.60
N ASN B 138 14.68 -18.45 16.81
CA ASN B 138 14.03 -18.33 18.12
C ASN B 138 13.15 -19.54 18.44
N SER B 139 12.70 -20.25 17.42
CA SER B 139 11.88 -21.44 17.64
C SER B 139 12.79 -22.67 17.76
N MSE B 140 14.06 -22.42 18.09
CA MSE B 140 15.07 -23.47 18.25
C MSE B 140 15.72 -23.38 19.64
O MSE B 140 16.72 -24.06 19.91
CB MSE B 140 16.17 -23.34 17.19
CG MSE B 140 15.74 -23.72 15.79
SE MSE B 140 17.08 -23.35 14.46
CE MSE B 140 15.93 -23.55 12.90
N THR B 141 15.15 -22.57 20.53
CA THR B 141 15.70 -22.36 21.87
C THR B 141 15.68 -23.53 22.85
N ASP B 142 15.00 -24.62 22.50
CA ASP B 142 15.01 -25.83 23.33
C ASP B 142 14.93 -27.02 22.38
N ALA B 143 15.35 -28.19 22.85
CA ALA B 143 15.37 -29.39 22.02
C ALA B 143 14.05 -29.72 21.31
N ASP B 144 12.95 -29.65 22.03
CA ASP B 144 11.64 -29.98 21.47
C ASP B 144 11.16 -29.04 20.37
N ILE B 145 11.16 -27.74 20.63
CA ILE B 145 10.70 -26.80 19.64
C ILE B 145 11.63 -26.78 18.44
N ALA B 146 12.92 -26.97 18.67
CA ALA B 146 13.89 -27.00 17.59
C ALA B 146 13.57 -28.15 16.63
N GLU B 147 13.25 -29.31 17.18
CA GLU B 147 12.93 -30.46 16.34
C GLU B 147 11.67 -30.19 15.53
N VAL B 148 10.72 -29.50 16.14
CA VAL B 148 9.48 -29.16 15.45
C VAL B 148 9.80 -28.25 14.24
N THR B 149 10.69 -27.29 14.43
CA THR B 149 11.06 -26.36 13.36
C THR B 149 11.76 -27.10 12.21
N PHE B 150 12.71 -27.96 12.54
CA PHE B 150 13.43 -28.73 11.53
C PHE B 150 12.42 -29.56 10.73
N GLU B 151 11.50 -30.20 11.45
CA GLU B 151 10.50 -31.04 10.80
C GLU B 151 9.62 -30.22 9.87
N GLY B 152 9.27 -29.02 10.30
CA GLY B 152 8.46 -28.16 9.46
C GLY B 152 9.24 -27.83 8.19
N MSE B 153 10.52 -27.53 8.33
CA MSE B 153 11.38 -27.21 7.21
C MSE B 153 11.52 -28.39 6.24
O MSE B 153 11.45 -28.23 5.02
CB MSE B 153 12.76 -26.76 7.70
CG MSE B 153 12.73 -25.45 8.48
SE MSE B 153 14.47 -25.01 9.24
CE MSE B 153 15.23 -24.04 7.76
N ARG B 154 11.70 -29.60 6.77
CA ARG B 154 11.84 -30.79 5.93
C ARG B 154 10.50 -31.09 5.25
N ARG B 155 9.42 -30.91 5.99
CA ARG B 155 8.09 -31.16 5.45
C ARG B 155 7.77 -30.19 4.31
N ALA B 156 8.13 -28.92 4.50
CA ALA B 156 7.89 -27.90 3.49
C ALA B 156 8.64 -28.22 2.19
N GLN B 157 9.91 -28.56 2.33
CA GLN B 157 10.74 -28.89 1.17
C GLN B 157 10.11 -30.05 0.39
N ALA B 158 9.71 -31.09 1.10
CA ALA B 158 9.09 -32.26 0.47
C ALA B 158 7.74 -31.91 -0.14
N ALA B 159 7.08 -30.89 0.40
CA ALA B 159 5.77 -30.48 -0.13
C ALA B 159 5.92 -29.48 -1.28
N GLY B 160 7.15 -29.19 -1.66
CA GLY B 160 7.37 -28.27 -2.76
C GLY B 160 7.35 -26.79 -2.43
N ALA B 161 7.68 -26.44 -1.20
CA ALA B 161 7.72 -25.04 -0.80
C ALA B 161 9.18 -24.65 -0.59
N ILE B 162 9.49 -23.41 -0.91
CA ILE B 162 10.83 -22.86 -0.73
C ILE B 162 10.99 -22.67 0.76
N VAL B 163 12.14 -23.05 1.30
CA VAL B 163 12.36 -22.87 2.74
C VAL B 163 13.26 -21.66 2.99
N SER B 164 12.67 -20.67 3.67
CA SER B 164 13.37 -19.45 3.99
C SER B 164 13.73 -19.44 5.47
N PHE B 165 14.98 -19.08 5.76
CA PHE B 165 15.46 -19.06 7.14
C PHE B 165 16.23 -17.78 7.45
N ASP B 166 15.68 -16.99 8.37
CA ASP B 166 16.31 -15.77 8.84
C ASP B 166 16.87 -16.15 10.21
N LEU B 167 18.20 -16.21 10.33
CA LEU B 167 18.82 -16.62 11.60
C LEU B 167 18.15 -15.91 12.78
N ASN B 168 18.21 -14.59 12.78
CA ASN B 168 17.59 -13.80 13.84
C ASN B 168 18.04 -14.31 15.22
N PHE B 169 19.35 -14.51 15.36
CA PHE B 169 19.93 -15.02 16.58
C PHE B 169 19.85 -14.05 17.76
N ARG B 170 19.19 -14.48 18.83
CA ARG B 170 19.02 -13.70 20.06
C ARG B 170 19.55 -14.56 21.20
N PRO B 171 20.86 -14.50 21.45
CA PRO B 171 21.54 -15.27 22.51
C PRO B 171 20.82 -15.29 23.86
N MSE B 172 20.27 -14.14 24.25
CA MSE B 172 19.56 -14.03 25.53
C MSE B 172 18.42 -15.03 25.73
O MSE B 172 18.09 -15.38 26.86
CB MSE B 172 19.02 -12.60 25.69
CG MSE B 172 20.12 -11.55 25.90
SE MSE B 172 19.42 -9.76 26.18
CE MSE B 172 18.25 -10.16 27.68
N LEU B 173 17.83 -15.50 24.64
CA LEU B 173 16.72 -16.45 24.73
C LEU B 173 17.16 -17.92 24.85
N TRP B 174 18.46 -18.17 24.73
CA TRP B 174 18.98 -19.53 24.81
C TRP B 174 19.43 -19.90 26.22
N PRO B 175 19.26 -21.18 26.62
CA PRO B 175 19.66 -21.64 27.95
C PRO B 175 21.12 -21.33 28.28
N ASN B 176 21.38 -20.99 29.53
CA ASN B 176 22.72 -20.66 29.96
C ASN B 176 23.68 -21.83 29.79
N GLY B 177 24.90 -21.53 29.36
CA GLY B 177 25.92 -22.55 29.16
C GLY B 177 25.84 -23.33 27.86
N GLU B 178 24.64 -23.47 27.31
CA GLU B 178 24.48 -24.23 26.07
C GLU B 178 24.98 -23.53 24.82
N ASN B 179 25.58 -24.31 23.92
CA ASN B 179 26.10 -23.77 22.67
C ASN B 179 25.08 -23.99 21.55
N PRO B 180 24.48 -22.90 21.07
CA PRO B 180 23.47 -22.96 20.00
C PRO B 180 24.00 -23.24 18.60
N ALA B 181 25.31 -23.18 18.42
CA ALA B 181 25.93 -23.39 17.12
C ALA B 181 25.36 -24.57 16.33
N SER B 182 25.34 -25.74 16.95
CA SER B 182 24.84 -26.94 16.33
C SER B 182 23.46 -26.78 15.68
N ARG B 183 22.49 -26.33 16.48
CA ARG B 183 21.15 -26.12 15.95
C ARG B 183 21.10 -25.11 14.83
N LEU B 184 21.82 -24.00 15.01
CA LEU B 184 21.86 -22.96 14.00
C LEU B 184 22.35 -23.55 12.68
N TRP B 185 23.46 -24.27 12.71
CA TRP B 185 23.99 -24.87 11.50
C TRP B 185 23.02 -25.87 10.87
N LYS B 186 22.30 -26.62 11.70
CA LYS B 186 21.35 -27.59 11.17
C LYS B 186 20.20 -26.88 10.45
N GLY B 187 19.71 -25.79 11.05
CA GLY B 187 18.64 -25.03 10.43
C GLY B 187 19.14 -24.45 9.12
N LEU B 188 20.35 -23.93 9.14
CA LEU B 188 20.96 -23.35 7.95
C LEU B 188 21.10 -24.35 6.81
N SER B 189 21.40 -25.61 7.14
CA SER B 189 21.58 -26.63 6.11
C SER B 189 20.27 -27.02 5.45
N LEU B 190 19.15 -26.75 6.13
CA LEU B 190 17.84 -27.10 5.61
C LEU B 190 17.12 -26.02 4.80
N ALA B 191 17.74 -24.85 4.70
CA ALA B 191 17.09 -23.73 3.98
C ALA B 191 17.56 -23.47 2.55
N ASP B 192 16.63 -22.99 1.72
CA ASP B 192 16.91 -22.66 0.33
C ASP B 192 17.40 -21.20 0.27
N VAL B 193 16.84 -20.40 1.17
CA VAL B 193 17.17 -18.98 1.25
C VAL B 193 17.55 -18.66 2.68
N VAL B 194 18.72 -18.06 2.85
CA VAL B 194 19.21 -17.70 4.17
C VAL B 194 19.47 -16.21 4.30
N LYS B 195 19.02 -15.64 5.40
CA LYS B 195 19.21 -14.22 5.66
C LYS B 195 19.98 -14.07 6.97
N LEU B 196 21.12 -13.38 6.90
CA LEU B 196 21.97 -13.16 8.07
C LEU B 196 22.35 -11.70 8.20
N SER B 197 22.73 -11.30 9.41
CA SER B 197 23.17 -9.94 9.65
C SER B 197 24.69 -10.01 9.59
N SER B 198 25.35 -8.85 9.47
CA SER B 198 26.81 -8.81 9.40
C SER B 198 27.38 -9.48 10.65
N GLU B 199 26.76 -9.21 11.79
CA GLU B 199 27.20 -9.76 13.06
C GLU B 199 27.07 -11.27 13.10
N GLU B 200 25.94 -11.78 12.64
CA GLU B 200 25.69 -13.22 12.62
C GLU B 200 26.66 -13.91 11.68
N LEU B 201 27.04 -13.23 10.60
CA LEU B 201 27.99 -13.80 9.66
C LEU B 201 29.32 -14.00 10.38
N ASP B 202 29.72 -13.00 11.17
CA ASP B 202 30.97 -13.08 11.94
C ASP B 202 30.85 -14.15 13.00
N TYR B 203 29.73 -14.16 13.71
CA TYR B 203 29.50 -15.15 14.75
C TYR B 203 29.69 -16.54 14.15
N LEU B 204 29.06 -16.78 13.00
CA LEU B 204 29.18 -18.06 12.34
C LEU B 204 30.62 -18.31 11.91
N ALA B 205 31.29 -17.25 11.44
CA ALA B 205 32.69 -17.40 11.02
C ALA B 205 33.50 -17.84 12.24
N ASN B 206 33.19 -17.28 13.40
CA ASN B 206 33.90 -17.63 14.62
C ASN B 206 33.70 -19.10 15.01
N THR B 207 32.48 -19.60 14.88
CA THR B 207 32.20 -21.00 15.23
C THR B 207 32.98 -21.96 14.35
N LEU B 208 33.51 -21.45 13.24
CA LEU B 208 34.29 -22.28 12.34
C LEU B 208 35.77 -21.98 12.46
N ALA B 209 36.10 -20.97 13.25
CA ALA B 209 37.49 -20.56 13.43
C ALA B 209 38.04 -20.24 12.04
N ALA B 210 37.22 -19.57 11.23
CA ALA B 210 37.59 -19.19 9.88
C ALA B 210 37.02 -17.83 9.53
N ASP B 211 36.78 -17.62 8.24
CA ASP B 211 36.26 -16.34 7.77
C ASP B 211 34.85 -16.45 7.19
N ALA B 212 34.34 -15.33 6.70
CA ALA B 212 33.01 -15.30 6.11
C ALA B 212 32.90 -16.26 4.93
N ASN B 213 33.98 -16.40 4.17
CA ASN B 213 33.98 -17.29 3.02
C ASN B 213 33.74 -18.72 3.46
N ALA B 214 34.36 -19.12 4.57
CA ALA B 214 34.20 -20.47 5.08
C ALA B 214 32.73 -20.72 5.41
N VAL B 215 32.07 -19.71 5.98
CA VAL B 215 30.66 -19.83 6.33
C VAL B 215 29.84 -20.03 5.05
N ILE B 216 30.11 -19.20 4.04
CA ILE B 216 29.38 -19.29 2.79
C ILE B 216 29.57 -20.64 2.10
N GLN B 217 30.78 -21.18 2.12
CA GLN B 217 31.03 -22.47 1.50
C GLN B 217 30.27 -23.56 2.25
N GLN B 218 30.18 -23.43 3.56
CA GLN B 218 29.46 -24.41 4.36
C GLN B 218 27.99 -24.41 3.96
N LEU B 219 27.42 -23.22 3.78
CA LEU B 219 26.03 -23.09 3.38
C LEU B 219 25.74 -23.80 2.07
N TRP B 220 26.68 -23.73 1.13
CA TRP B 220 26.51 -24.37 -0.16
C TRP B 220 26.53 -25.91 -0.05
N GLN B 221 26.98 -26.40 1.10
CA GLN B 221 27.02 -27.84 1.34
C GLN B 221 25.62 -28.35 1.63
N GLY B 222 24.72 -27.44 2.00
CA GLY B 222 23.35 -27.82 2.29
C GLY B 222 22.40 -27.49 1.15
N ARG B 223 21.20 -27.04 1.49
CA ARG B 223 20.18 -26.69 0.52
C ARG B 223 20.31 -25.24 0.00
N ALA B 224 20.95 -24.38 0.77
CA ALA B 224 21.07 -22.95 0.40
C ALA B 224 21.43 -22.65 -1.05
N GLN B 225 20.64 -21.77 -1.65
CA GLN B 225 20.87 -21.33 -3.02
C GLN B 225 21.04 -19.80 -3.04
N LEU B 226 20.59 -19.16 -1.96
CA LEU B 226 20.69 -17.71 -1.86
C LEU B 226 20.96 -17.26 -0.43
N LEU B 227 21.94 -16.38 -0.28
CA LEU B 227 22.32 -15.82 1.02
C LEU B 227 22.30 -14.30 1.00
N LEU B 228 21.61 -13.72 1.97
CA LEU B 228 21.55 -12.27 2.10
C LEU B 228 22.19 -11.89 3.42
N VAL B 229 23.15 -10.97 3.36
CA VAL B 229 23.81 -10.51 4.57
C VAL B 229 23.50 -9.03 4.71
N THR B 230 22.90 -8.64 5.84
CA THR B 230 22.55 -7.24 6.04
C THR B 230 23.39 -6.50 7.05
N ASP B 231 23.03 -5.24 7.24
CA ASP B 231 23.62 -4.29 8.16
C ASP B 231 22.72 -3.07 7.98
N ALA B 232 22.80 -2.10 8.88
CA ALA B 232 21.93 -0.91 8.82
C ALA B 232 21.70 -0.29 7.43
N ALA B 233 22.14 0.96 7.26
CA ALA B 233 21.96 1.65 5.99
C ALA B 233 22.95 1.18 4.93
N GLY B 234 23.91 0.35 5.34
CA GLY B 234 24.89 -0.17 4.40
C GLY B 234 24.22 -1.08 3.40
N PRO B 235 24.78 -1.23 2.20
CA PRO B 235 24.17 -2.10 1.19
C PRO B 235 24.09 -3.56 1.65
N VAL B 236 22.99 -4.23 1.32
CA VAL B 236 22.88 -5.63 1.69
C VAL B 236 23.65 -6.40 0.63
N HIS B 237 24.33 -7.45 1.05
CA HIS B 237 25.08 -8.27 0.11
C HIS B 237 24.32 -9.55 -0.14
N TRP B 238 24.37 -10.03 -1.38
CA TRP B 238 23.70 -11.27 -1.73
C TRP B 238 24.71 -12.19 -2.39
N TYR B 239 24.53 -13.49 -2.18
CA TYR B 239 25.42 -14.49 -2.75
C TYR B 239 24.59 -15.69 -3.21
N THR B 240 24.99 -16.28 -4.33
CA THR B 240 24.37 -17.48 -4.86
C THR B 240 25.57 -18.39 -5.09
N ARG B 241 25.33 -19.59 -5.60
CA ARG B 241 26.45 -20.48 -5.84
C ARG B 241 27.29 -20.07 -7.04
N THR B 242 26.76 -19.16 -7.86
CA THR B 242 27.45 -18.72 -9.06
C THR B 242 27.92 -17.27 -9.08
N ALA B 243 27.49 -16.45 -8.13
CA ALA B 243 27.92 -15.06 -8.13
C ALA B 243 27.55 -14.36 -6.84
N GLY B 244 27.86 -13.08 -6.77
CA GLY B 244 27.55 -12.26 -5.61
C GLY B 244 27.43 -10.81 -6.00
N GLY B 245 26.78 -10.03 -5.16
CA GLY B 245 26.63 -8.60 -5.44
C GLY B 245 26.09 -7.87 -4.24
N GLU B 246 25.81 -6.58 -4.42
CA GLU B 246 25.30 -5.79 -3.33
C GLU B 246 24.31 -4.79 -3.89
N VAL B 247 23.24 -4.57 -3.14
CA VAL B 247 22.21 -3.66 -3.56
C VAL B 247 22.11 -2.45 -2.63
N PRO B 248 22.16 -1.23 -3.21
CA PRO B 248 22.06 -0.02 -2.39
C PRO B 248 20.68 0.09 -1.78
N THR B 249 20.61 0.71 -0.62
CA THR B 249 19.34 0.86 0.08
C THR B 249 18.74 2.23 -0.25
N PHE B 250 17.61 2.53 0.39
CA PHE B 250 16.96 3.80 0.17
C PHE B 250 17.38 4.74 1.30
N ARG B 251 17.30 6.04 1.06
CA ARG B 251 17.68 7.01 2.08
C ARG B 251 16.44 7.49 2.81
N VAL B 252 16.32 7.12 4.08
CA VAL B 252 15.18 7.55 4.87
C VAL B 252 15.60 7.96 6.28
N GLN B 253 14.71 8.66 6.96
CA GLN B 253 14.95 9.13 8.32
C GLN B 253 14.41 8.09 9.29
N VAL B 254 15.30 7.46 10.04
CA VAL B 254 14.88 6.45 10.99
C VAL B 254 14.07 7.06 12.13
N GLN B 255 12.99 6.38 12.51
CA GLN B 255 12.12 6.81 13.60
C GLN B 255 12.05 5.66 14.58
N ASP B 256 12.16 4.44 14.07
CA ASP B 256 12.11 3.24 14.87
C ASP B 256 12.62 2.12 13.96
N SER B 257 13.82 1.60 14.23
CA SER B 257 14.35 0.54 13.38
C SER B 257 13.81 -0.84 13.77
N ASN B 258 12.85 -0.87 14.68
CA ASN B 258 12.27 -2.13 15.16
C ASN B 258 11.67 -2.97 14.01
N ALA B 259 11.96 -4.27 13.96
CA ALA B 259 11.38 -5.10 12.88
C ALA B 259 11.79 -4.67 11.46
N ALA B 260 12.92 -3.98 11.31
CA ALA B 260 13.40 -3.55 10.00
C ALA B 260 13.75 -4.76 9.13
N GLY B 261 14.52 -5.68 9.70
CA GLY B 261 14.92 -6.88 8.99
C GLY B 261 13.77 -7.77 8.60
N ASP B 262 12.78 -7.91 9.48
CA ASP B 262 11.63 -8.75 9.19
C ASP B 262 10.82 -8.15 8.05
N ALA B 263 10.76 -6.82 7.98
CA ALA B 263 10.03 -6.14 6.93
C ALA B 263 10.74 -6.45 5.61
N PHE B 264 12.06 -6.39 5.63
CA PHE B 264 12.89 -6.68 4.46
C PHE B 264 12.52 -8.09 3.99
N VAL B 265 12.56 -9.04 4.92
CA VAL B 265 12.24 -10.43 4.59
C VAL B 265 10.83 -10.51 4.03
N GLY B 266 9.93 -9.74 4.62
CA GLY B 266 8.54 -9.72 4.17
C GLY B 266 8.42 -9.31 2.71
N GLY B 267 9.03 -8.19 2.37
CA GLY B 267 8.99 -7.72 0.99
C GLY B 267 9.59 -8.72 0.02
N MSE B 268 10.70 -9.35 0.41
CA MSE B 268 11.36 -10.33 -0.44
C MSE B 268 10.48 -11.55 -0.70
O MSE B 268 10.25 -11.93 -1.85
CB MSE B 268 12.69 -10.77 0.17
CG MSE B 268 13.40 -11.87 -0.63
SE MSE B 268 15.09 -12.43 0.21
CE MSE B 268 14.38 -13.31 1.77
N LEU B 269 9.99 -12.18 0.37
CA LEU B 269 9.14 -13.37 0.24
C LEU B 269 7.88 -13.05 -0.55
N TYR B 270 7.30 -11.89 -0.27
CA TYR B 270 6.10 -11.44 -0.96
C TYR B 270 6.36 -11.45 -2.47
N THR B 271 7.49 -10.90 -2.88
CA THR B 271 7.84 -10.82 -4.29
C THR B 271 8.09 -12.20 -4.89
N PHE B 272 8.72 -13.09 -4.13
CA PHE B 272 8.98 -14.46 -4.58
C PHE B 272 7.64 -15.13 -4.93
N ALA B 273 6.68 -15.03 -4.02
CA ALA B 273 5.36 -15.64 -4.21
C ALA B 273 4.58 -15.07 -5.38
N GLN B 274 4.75 -13.78 -5.64
CA GLN B 274 4.06 -13.13 -6.75
C GLN B 274 4.67 -13.55 -8.10
N GLN B 275 5.99 -13.64 -8.13
CA GLN B 275 6.71 -13.96 -9.36
C GLN B 275 7.00 -15.43 -9.69
N PHE B 276 7.17 -16.27 -8.67
CA PHE B 276 7.48 -17.69 -8.93
C PHE B 276 6.24 -18.56 -9.14
N ASP B 277 6.26 -19.39 -10.19
CA ASP B 277 5.14 -20.30 -10.47
C ASP B 277 5.22 -21.45 -9.47
N ASP B 278 6.44 -21.82 -9.10
CA ASP B 278 6.67 -22.90 -8.16
C ASP B 278 8.04 -22.74 -7.51
N ALA B 279 8.36 -23.68 -6.63
CA ALA B 279 9.62 -23.66 -5.91
C ALA B 279 10.83 -23.72 -6.84
N ALA B 280 10.69 -24.49 -7.91
CA ALA B 280 11.77 -24.64 -8.88
C ALA B 280 12.19 -23.30 -9.50
N ALA B 281 11.27 -22.36 -9.57
CA ALA B 281 11.56 -21.05 -10.13
C ALA B 281 12.68 -20.32 -9.38
N LEU B 282 12.92 -20.68 -8.12
CA LEU B 282 13.97 -20.03 -7.34
C LEU B 282 15.35 -20.23 -7.97
N ILE B 283 15.58 -21.41 -8.54
CA ILE B 283 16.86 -21.72 -9.17
C ILE B 283 17.14 -20.78 -10.34
N ASP B 284 16.16 -20.60 -11.22
CA ASP B 284 16.34 -19.71 -12.35
C ASP B 284 16.58 -18.31 -11.81
N PHE B 285 15.87 -17.96 -10.74
CA PHE B 285 16.01 -16.65 -10.12
C PHE B 285 17.46 -16.43 -9.66
N CYS B 286 18.01 -17.41 -8.97
CA CYS B 286 19.38 -17.29 -8.47
C CYS B 286 20.43 -17.22 -9.59
N HIS B 287 20.04 -17.59 -10.79
CA HIS B 287 20.93 -17.55 -11.96
C HIS B 287 20.73 -16.25 -12.73
N ASP B 288 19.87 -15.37 -12.22
CA ASP B 288 19.59 -14.12 -12.91
C ASP B 288 19.75 -12.87 -12.03
N PRO B 289 20.99 -12.35 -11.91
CA PRO B 289 21.32 -11.17 -11.11
C PRO B 289 20.42 -9.96 -11.34
N GLU B 290 19.96 -9.79 -12.58
CA GLU B 290 19.08 -8.68 -12.91
C GLU B 290 17.80 -8.80 -12.08
N SER B 291 17.27 -10.02 -11.98
CA SER B 291 16.07 -10.27 -11.20
C SER B 291 16.38 -10.13 -9.71
N ILE B 292 17.50 -10.70 -9.28
CA ILE B 292 17.90 -10.61 -7.87
C ILE B 292 17.97 -9.16 -7.40
N VAL B 293 18.64 -8.31 -8.17
CA VAL B 293 18.77 -6.90 -7.81
C VAL B 293 17.41 -6.20 -7.80
N SER B 294 16.55 -6.53 -8.77
CA SER B 294 15.23 -5.93 -8.85
C SER B 294 14.37 -6.29 -7.65
N THR B 295 14.40 -7.57 -7.27
CA THR B 295 13.64 -8.06 -6.14
C THR B 295 14.17 -7.54 -4.81
N LEU B 296 15.49 -7.53 -4.66
CA LEU B 296 16.07 -7.04 -3.41
C LEU B 296 15.83 -5.54 -3.27
N ARG B 297 15.70 -4.83 -4.39
CA ARG B 297 15.44 -3.39 -4.33
C ARG B 297 14.08 -3.18 -3.66
N PHE B 298 13.08 -3.92 -4.13
CA PHE B 298 11.73 -3.86 -3.56
C PHE B 298 11.80 -4.20 -2.06
N ALA B 299 12.49 -5.28 -1.71
CA ALA B 299 12.61 -5.68 -0.30
C ALA B 299 13.24 -4.56 0.52
N ALA B 300 14.28 -3.94 -0.03
CA ALA B 300 14.96 -2.85 0.66
C ALA B 300 14.00 -1.69 0.86
N ALA B 301 13.11 -1.47 -0.12
CA ALA B 301 12.13 -0.40 -0.02
C ALA B 301 11.17 -0.64 1.13
N VAL B 302 10.71 -1.89 1.27
CA VAL B 302 9.79 -2.25 2.35
C VAL B 302 10.49 -2.01 3.69
N GLY B 303 11.73 -2.47 3.80
CA GLY B 303 12.48 -2.26 5.03
C GLY B 303 12.66 -0.79 5.37
N ALA B 304 12.91 0.03 4.37
CA ALA B 304 13.09 1.46 4.60
C ALA B 304 11.82 2.13 5.13
N LEU B 305 10.66 1.77 4.56
CA LEU B 305 9.40 2.36 4.98
C LEU B 305 8.95 1.90 6.37
N ALA B 306 9.45 0.75 6.79
CA ALA B 306 9.11 0.22 8.11
C ALA B 306 9.87 0.97 9.19
N VAL B 307 11.16 1.18 8.98
CA VAL B 307 12.02 1.86 9.95
C VAL B 307 11.61 3.30 10.20
N THR B 308 10.82 3.88 9.30
CA THR B 308 10.36 5.25 9.46
C THR B 308 9.03 5.28 10.22
N ARG B 309 8.51 4.11 10.59
CA ARG B 309 7.24 4.02 11.29
C ARG B 309 7.43 3.28 12.62
N GLN B 310 6.74 3.71 13.67
CA GLN B 310 6.87 3.06 14.97
C GLN B 310 6.25 1.67 15.13
N GLY B 311 6.84 0.85 16.02
CA GLY B 311 6.33 -0.49 16.27
C GLY B 311 6.91 -1.56 15.36
N ALA B 312 6.07 -2.46 14.88
CA ALA B 312 6.53 -3.51 13.99
C ALA B 312 5.36 -3.90 13.09
N PHE B 313 4.31 -4.45 13.70
CA PHE B 313 3.11 -4.83 12.96
C PHE B 313 2.53 -3.56 12.37
N THR B 314 2.62 -2.48 13.14
CA THR B 314 2.09 -1.18 12.77
C THR B 314 2.99 -0.37 11.84
N ALA B 315 4.22 -0.81 11.65
CA ALA B 315 5.14 -0.07 10.79
C ALA B 315 5.27 -0.62 9.39
N MSE B 316 4.36 -1.52 9.02
CA MSE B 316 4.42 -2.14 7.69
C MSE B 316 3.65 -1.36 6.62
O MSE B 316 2.48 -1.02 6.80
CB MSE B 316 3.91 -3.59 7.79
CG MSE B 316 4.62 -4.39 8.89
SE MSE B 316 6.54 -4.39 8.63
CE MSE B 316 7.02 -5.91 9.79
N PRO B 317 4.30 -1.08 5.48
CA PRO B 317 3.72 -0.34 4.36
C PRO B 317 2.86 -1.17 3.40
N MSE B 318 2.01 -0.48 2.64
CA MSE B 318 1.17 -1.13 1.65
C MSE B 318 1.95 -1.15 0.34
O MSE B 318 2.94 -0.42 0.19
CB MSE B 318 -0.15 -0.37 1.45
CG MSE B 318 -0.97 -0.22 2.72
SE MSE B 318 -2.69 0.57 2.32
CE MSE B 318 -2.07 2.39 1.93
N LEU B 319 1.51 -1.98 -0.61
CA LEU B 319 2.19 -2.09 -1.90
C LEU B 319 2.32 -0.74 -2.60
N SER B 320 1.24 0.03 -2.66
CA SER B 320 1.28 1.34 -3.32
C SER B 320 2.37 2.25 -2.77
N GLU B 321 2.56 2.23 -1.45
CA GLU B 321 3.57 3.05 -0.81
C GLU B 321 5.00 2.59 -1.13
N VAL B 322 5.21 1.27 -1.14
CA VAL B 322 6.52 0.74 -1.46
C VAL B 322 6.89 1.11 -2.91
N LEU B 323 5.98 0.83 -3.84
CA LEU B 323 6.21 1.15 -5.25
C LEU B 323 6.46 2.65 -5.45
N SER B 324 5.74 3.49 -4.69
CA SER B 324 5.92 4.94 -4.81
C SER B 324 7.33 5.33 -4.41
N LEU B 325 7.82 4.78 -3.31
CA LEU B 325 9.18 5.09 -2.86
C LEU B 325 10.18 4.69 -3.94
N ILE B 326 9.98 3.52 -4.53
CA ILE B 326 10.86 3.02 -5.58
C ILE B 326 10.78 3.93 -6.81
N GLN B 327 9.56 4.31 -7.18
CA GLN B 327 9.34 5.17 -8.33
C GLN B 327 10.00 6.52 -8.14
N GLU B 328 9.80 7.11 -6.96
CA GLU B 328 10.35 8.42 -6.62
C GLU B 328 11.87 8.47 -6.51
N GLN B 329 12.43 7.55 -5.74
CA GLN B 329 13.87 7.53 -5.53
C GLN B 329 14.60 6.72 -6.59
N SER B 330 14.02 6.63 -7.79
CA SER B 330 14.64 5.92 -8.89
C SER B 330 15.26 6.94 -9.82
N GLU B 331 14.48 7.97 -10.13
CA GLU B 331 14.92 9.05 -11.01
C GLU B 331 13.89 10.17 -11.01
K K C . 9.61 -0.13 12.98
P PO4 D . 13.00 -9.38 15.50
O1 PO4 D . 13.42 -8.06 16.07
O2 PO4 D . 13.54 -9.51 14.12
O3 PO4 D . 13.54 -10.49 16.35
O4 PO4 D . 11.51 -9.46 15.46
PG ATP E . 16.42 -6.70 12.94
O1G ATP E . 17.28 -7.82 13.45
O2G ATP E . 15.01 -7.14 12.58
O3G ATP E . 16.39 -5.56 13.97
PB ATP E . 18.67 -6.34 11.06
O1B ATP E . 19.69 -5.65 11.95
O2B ATP E . 18.76 -7.78 10.71
O3B ATP E . 17.14 -6.17 11.61
PA ATP E . 19.27 -4.17 9.18
O1A ATP E . 19.16 -3.05 10.19
O2A ATP E . 20.62 -4.59 8.67
O3A ATP E . 18.52 -5.52 9.70
O5' ATP E . 18.02 -4.31 7.81
C5' ATP E . 16.78 -4.45 7.17
C4' ATP E . 16.81 -3.82 5.80
O4' ATP E . 16.06 -2.65 6.13
C3' ATP E . 18.14 -3.19 5.31
O3' ATP E . 18.94 -4.06 4.52
C2' ATP E . 17.66 -2.01 4.58
O2' ATP E . 17.23 -2.35 3.24
C1' ATP E . 16.54 -1.49 5.45
N9 ATP E . 17.13 -0.47 6.44
C8 ATP E . 17.45 -0.64 7.79
N7 ATP E . 17.94 0.50 8.34
C5 ATP E . 17.95 1.43 7.39
C6 ATP E . 18.33 2.87 7.25
N6 ATP E . 18.82 3.52 8.32
N1 ATP E . 18.17 3.51 6.00
C2 ATP E . 17.67 2.86 4.86
N3 ATP E . 17.29 1.54 4.92
C4 ATP E . 17.40 0.80 6.13
#